data_3W03
#
_entry.id   3W03
#
_cell.length_a   236.762
_cell.length_b   236.762
_cell.length_c   103.229
_cell.angle_alpha   90.00
_cell.angle_beta   90.00
_cell.angle_gamma   120.00
#
_symmetry.space_group_name_H-M   'P 65'
#
loop_
_entity.id
_entity.type
_entity.pdbx_description
1 polymer 'Non-homologous end-joining factor 1'
2 polymer 'DNA repair protein XRCC4'
#
loop_
_entity_poly.entity_id
_entity_poly.type
_entity_poly.pdbx_seq_one_letter_code
_entity_poly.pdbx_strand_id
1 'polypeptide(L)'
;SGMEELEQGLLMQPWAWLQLAENSLLAKVFITKQGYALLVSDLQQVWHEQVDTSVVSQRAKELNKRLTAPPAAFLCHLDN
LLRPLLKDAAHPSEATFSCDCVADALILRVRSELSGLPFYWNFHCMLASPSLVSQHLIRPLMGMSLALQCQVRELATLLH
MKDLEIQDYQESGATLIRDRLKTEPFEENSFLEQFMIEKLPEACSIGDGKPFVMNLQDLYMAVTTQEVQVGQKHQ
;
A,B
2 'polypeptide(L)'
;MGSSHHHHHHSSGLVPRGSHMERKISRIHLVSEPSITHFLQVSWEKTLESGFVITLTDGHSAWTGTVSESEISQEADDMA
MEKGKYVGELRKALLSGAGPADVYTFNFSKESCYFFFEKNLKDVSFRLGSFNLEKVENPAEVIRELICYCLDTIAENQAK
NEHLQKENERLLRDWNDVQGRFEK
;
C,D
#
# COMPACT_ATOMS: atom_id res chain seq x y z
N GLY A 2 15.93 -0.02 -0.32
CA GLY A 2 16.68 -0.41 -1.51
C GLY A 2 16.48 -1.85 -1.97
N MET A 3 16.39 -2.77 -1.01
CA MET A 3 16.12 -4.20 -1.29
C MET A 3 14.71 -4.48 -1.85
N GLU A 4 13.71 -3.75 -1.35
CA GLU A 4 12.35 -3.83 -1.87
C GLU A 4 12.26 -3.40 -3.34
N GLU A 5 12.96 -2.33 -3.67
CA GLU A 5 13.03 -1.83 -5.03
C GLU A 5 13.76 -2.78 -6.00
N LEU A 6 14.75 -3.56 -5.51
CA LEU A 6 15.38 -4.56 -6.38
C LEU A 6 14.39 -5.66 -6.73
N GLU A 7 13.60 -6.09 -5.75
CA GLU A 7 12.68 -7.20 -5.94
C GLU A 7 11.51 -6.74 -6.83
N GLN A 8 11.10 -5.49 -6.65
CA GLN A 8 10.10 -4.84 -7.51
C GLN A 8 10.55 -4.81 -8.97
N GLY A 9 11.71 -4.21 -9.21
CA GLY A 9 12.30 -4.17 -10.54
C GLY A 9 12.47 -5.55 -11.14
N LEU A 10 12.86 -6.52 -10.32
CA LEU A 10 13.09 -7.89 -10.81
C LEU A 10 11.80 -8.54 -11.38
N LEU A 11 10.68 -8.29 -10.72
CA LEU A 11 9.40 -8.83 -11.13
C LEU A 11 9.05 -8.43 -12.58
N MET A 12 9.49 -7.25 -13.01
CA MET A 12 9.15 -6.78 -14.34
C MET A 12 10.23 -6.97 -15.41
N GLN A 13 11.34 -7.59 -15.03
CA GLN A 13 12.34 -8.03 -15.98
C GLN A 13 11.80 -9.23 -16.79
N PRO A 14 12.18 -9.32 -18.09
CA PRO A 14 11.83 -10.53 -18.80
C PRO A 14 12.83 -11.66 -18.47
N TRP A 15 12.54 -12.90 -18.89
CA TRP A 15 13.51 -13.99 -18.75
C TRP A 15 14.46 -14.08 -19.94
N ALA A 16 15.74 -14.29 -19.65
CA ALA A 16 16.74 -14.52 -20.68
C ALA A 16 17.18 -15.97 -20.61
N TRP A 17 17.73 -16.44 -21.73
CA TRP A 17 18.34 -17.75 -21.82
C TRP A 17 19.82 -17.52 -21.62
N LEU A 18 20.47 -18.44 -20.92
CA LEU A 18 21.87 -18.29 -20.58
C LEU A 18 22.62 -19.60 -20.90
N GLN A 19 23.51 -19.54 -21.90
CA GLN A 19 24.38 -20.66 -22.22
C GLN A 19 25.48 -20.78 -21.17
N LEU A 20 25.61 -21.96 -20.60
CA LEU A 20 26.67 -22.23 -19.62
C LEU A 20 27.61 -23.33 -20.15
N ALA A 21 28.68 -23.62 -19.39
CA ALA A 21 29.65 -24.63 -19.79
C ALA A 21 29.00 -25.96 -20.19
N GLU A 22 28.22 -26.54 -19.28
CA GLU A 22 27.56 -27.83 -19.49
C GLU A 22 26.12 -27.70 -19.97
N ASN A 23 25.28 -27.04 -19.17
CA ASN A 23 23.85 -26.91 -19.50
C ASN A 23 23.48 -25.46 -19.88
N SER A 24 22.25 -25.08 -19.56
CA SER A 24 21.78 -23.72 -19.71
C SER A 24 20.79 -23.40 -18.58
N LEU A 25 20.55 -22.11 -18.37
CA LEU A 25 19.59 -21.66 -17.40
C LEU A 25 18.77 -20.54 -18.00
N LEU A 26 17.54 -20.40 -17.49
CA LEU A 26 16.75 -19.19 -17.61
C LEU A 26 17.15 -18.26 -16.48
N ALA A 27 17.28 -16.98 -16.79
CA ALA A 27 17.77 -15.98 -15.85
C ALA A 27 17.09 -14.63 -16.04
N LYS A 28 16.78 -13.99 -14.92
CA LYS A 28 16.32 -12.58 -14.91
C LYS A 28 17.06 -11.93 -13.76
N VAL A 29 17.49 -10.70 -13.97
CA VAL A 29 18.30 -9.97 -13.01
C VAL A 29 17.89 -8.49 -13.05
N PHE A 30 18.01 -7.81 -11.92
CA PHE A 30 17.78 -6.38 -11.86
C PHE A 30 18.91 -5.74 -11.04
N ILE A 31 19.63 -4.81 -11.65
CA ILE A 31 20.84 -4.28 -11.02
C ILE A 31 20.76 -2.76 -10.85
N THR A 32 21.03 -2.28 -9.64
CA THR A 32 21.16 -0.84 -9.42
C THR A 32 22.46 -0.57 -8.66
N LYS A 33 22.65 0.69 -8.25
CA LYS A 33 23.80 1.08 -7.42
C LYS A 33 23.74 0.48 -6.02
N GLN A 34 22.55 -0.03 -5.62
CA GLN A 34 22.30 -0.61 -4.27
C GLN A 34 22.51 -2.13 -4.16
N GLY A 35 22.57 -2.80 -5.30
CA GLY A 35 22.77 -4.22 -5.31
C GLY A 35 22.11 -4.83 -6.54
N TYR A 36 21.86 -6.13 -6.46
CA TYR A 36 21.09 -6.83 -7.46
C TYR A 36 20.12 -7.84 -6.86
N ALA A 37 19.15 -8.24 -7.68
CA ALA A 37 18.29 -9.34 -7.39
C ALA A 37 18.31 -10.24 -8.63
N LEU A 38 18.54 -11.54 -8.42
CA LEU A 38 18.65 -12.53 -9.50
C LEU A 38 17.66 -13.67 -9.28
N LEU A 39 17.01 -14.08 -10.34
CA LEU A 39 16.25 -15.30 -10.32
C LEU A 39 16.71 -16.16 -11.46
N VAL A 40 17.00 -17.41 -11.12
CA VAL A 40 17.48 -18.40 -12.07
C VAL A 40 16.62 -19.68 -12.00
N SER A 41 16.41 -20.35 -13.13
CA SER A 41 15.69 -21.63 -13.16
C SER A 41 16.23 -22.56 -14.22
N ASP A 42 16.18 -23.86 -13.96
CA ASP A 42 16.43 -24.87 -14.97
C ASP A 42 15.14 -25.60 -15.39
N LEU A 43 13.99 -24.99 -15.12
CA LEU A 43 12.64 -25.54 -15.41
C LEU A 43 12.23 -26.75 -14.54
N GLN A 44 13.07 -27.08 -13.56
CA GLN A 44 12.77 -28.06 -12.53
C GLN A 44 12.75 -27.36 -11.17
N GLN A 45 13.77 -26.56 -10.90
CA GLN A 45 13.93 -25.81 -9.67
C GLN A 45 14.17 -24.35 -10.02
N VAL A 46 13.91 -23.49 -9.04
CA VAL A 46 14.13 -22.07 -9.15
C VAL A 46 15.06 -21.69 -7.99
N TRP A 47 16.08 -20.89 -8.29
CA TRP A 47 16.95 -20.29 -7.27
C TRP A 47 16.95 -18.74 -7.30
N HIS A 48 17.29 -18.14 -6.17
CA HIS A 48 17.24 -16.70 -5.96
C HIS A 48 18.47 -16.19 -5.21
N GLU A 49 18.98 -15.02 -5.60
CA GLU A 49 19.94 -14.26 -4.79
C GLU A 49 19.61 -12.76 -4.74
N GLN A 50 19.75 -12.17 -3.54
CA GLN A 50 19.66 -10.73 -3.36
C GLN A 50 20.89 -10.24 -2.60
N VAL A 51 21.58 -9.22 -3.12
CA VAL A 51 22.74 -8.65 -2.42
C VAL A 51 22.72 -7.12 -2.33
N ASP A 52 23.25 -6.57 -1.24
CA ASP A 52 23.46 -5.13 -1.12
C ASP A 52 24.92 -4.75 -1.42
N THR A 53 25.31 -3.51 -1.18
CA THR A 53 26.65 -3.03 -1.60
C THR A 53 27.79 -3.53 -0.71
N SER A 54 27.53 -3.69 0.59
CA SER A 54 28.45 -4.39 1.52
C SER A 54 28.87 -5.78 1.01
N VAL A 55 27.90 -6.55 0.52
CA VAL A 55 28.12 -7.91 0.04
C VAL A 55 28.93 -7.85 -1.27
N VAL A 56 28.63 -6.88 -2.11
CA VAL A 56 29.40 -6.63 -3.33
C VAL A 56 30.88 -6.34 -3.04
N SER A 57 31.14 -5.47 -2.05
CA SER A 57 32.50 -5.10 -1.61
C SER A 57 33.27 -6.28 -1.06
N GLN A 58 32.62 -6.98 -0.14
CA GLN A 58 33.11 -8.19 0.50
C GLN A 58 33.54 -9.24 -0.53
N ARG A 59 32.60 -9.63 -1.38
CA ARG A 59 32.82 -10.69 -2.34
C ARG A 59 33.74 -10.30 -3.52
N ALA A 60 33.72 -9.04 -3.93
CA ALA A 60 34.66 -8.58 -4.97
C ALA A 60 36.13 -8.66 -4.48
N LYS A 61 36.35 -8.37 -3.18
CA LYS A 61 37.64 -8.50 -2.51
C LYS A 61 38.11 -9.99 -2.39
N GLU A 62 37.17 -10.90 -2.13
CA GLU A 62 37.44 -12.34 -2.06
C GLU A 62 37.87 -12.96 -3.38
N LEU A 63 37.21 -12.53 -4.45
CA LEU A 63 37.37 -13.11 -5.78
C LEU A 63 38.39 -12.40 -6.67
N ASN A 64 38.77 -11.18 -6.30
CA ASN A 64 39.59 -10.32 -7.15
C ASN A 64 40.75 -9.66 -6.37
N LYS A 65 41.95 -10.20 -6.52
CA LYS A 65 43.18 -9.61 -5.96
C LYS A 65 43.80 -8.53 -6.87
N ARG A 66 43.55 -8.63 -8.18
CA ARG A 66 44.30 -7.84 -9.18
C ARG A 66 43.76 -6.42 -9.43
N LEU A 67 42.59 -6.09 -8.87
CA LEU A 67 42.03 -4.75 -8.97
C LEU A 67 41.04 -4.51 -7.85
N THR A 68 40.69 -3.25 -7.67
CA THR A 68 39.65 -2.86 -6.73
C THR A 68 38.89 -1.66 -7.35
N ALA A 69 37.68 -1.41 -6.88
CA ALA A 69 36.82 -0.36 -7.44
C ALA A 69 35.63 -0.19 -6.50
N PRO A 70 34.90 0.93 -6.60
CA PRO A 70 33.70 1.05 -5.74
C PRO A 70 32.64 -0.04 -6.06
N PRO A 71 31.83 -0.45 -5.06
CA PRO A 71 30.73 -1.40 -5.29
C PRO A 71 29.84 -1.10 -6.53
N ALA A 72 29.33 0.13 -6.63
CA ALA A 72 28.54 0.60 -7.77
C ALA A 72 29.22 0.38 -9.14
N ALA A 73 30.55 0.50 -9.19
CA ALA A 73 31.27 0.28 -10.45
C ALA A 73 31.26 -1.21 -10.81
N PHE A 74 31.42 -2.07 -9.80
CA PHE A 74 31.25 -3.50 -10.00
C PHE A 74 29.83 -3.87 -10.43
N LEU A 75 28.84 -3.26 -9.79
CA LEU A 75 27.41 -3.47 -10.14
C LEU A 75 27.11 -3.03 -11.58
N CYS A 76 27.72 -1.91 -11.97
CA CYS A 76 27.64 -1.41 -13.35
C CYS A 76 28.18 -2.40 -14.39
N HIS A 77 29.36 -2.99 -14.12
CA HIS A 77 30.01 -3.96 -14.98
C HIS A 77 29.16 -5.24 -15.17
N LEU A 78 28.68 -5.80 -14.06
CA LEU A 78 27.72 -6.92 -14.07
C LEU A 78 26.47 -6.69 -14.96
N ASP A 79 25.89 -5.51 -14.88
CA ASP A 79 24.80 -5.06 -15.74
C ASP A 79 25.23 -5.05 -17.22
N ASN A 80 26.38 -4.44 -17.52
CA ASN A 80 26.99 -4.48 -18.88
C ASN A 80 27.24 -5.88 -19.45
N LEU A 81 27.54 -6.82 -18.56
CA LEU A 81 27.75 -8.23 -18.89
C LEU A 81 26.46 -8.97 -19.18
N LEU A 82 25.51 -8.86 -18.24
CA LEU A 82 24.28 -9.60 -18.34
C LEU A 82 23.28 -9.01 -19.34
N ARG A 83 23.31 -7.70 -19.55
CA ARG A 83 22.34 -7.00 -20.39
C ARG A 83 22.32 -7.40 -21.87
N PRO A 84 23.43 -7.20 -22.63
CA PRO A 84 23.46 -7.53 -24.06
C PRO A 84 23.20 -9.02 -24.39
N LEU A 85 23.72 -9.91 -23.55
CA LEU A 85 23.59 -11.37 -23.69
C LEU A 85 22.16 -11.88 -23.39
N LEU A 86 21.42 -11.12 -22.58
CA LEU A 86 19.99 -11.32 -22.34
C LEU A 86 19.16 -11.22 -23.63
N LYS A 87 19.43 -10.16 -24.41
CA LYS A 87 18.63 -9.79 -25.60
C LYS A 87 18.77 -10.79 -26.76
N ASP A 88 19.99 -11.26 -26.97
CA ASP A 88 20.28 -12.44 -27.80
C ASP A 88 21.69 -12.97 -27.49
N ALA A 89 21.90 -14.26 -27.73
CA ALA A 89 23.21 -14.86 -27.53
C ALA A 89 24.00 -14.95 -28.85
N ALA A 90 23.63 -14.08 -29.80
CA ALA A 90 24.41 -13.88 -31.01
C ALA A 90 25.30 -12.66 -30.85
N HIS A 91 25.58 -12.30 -29.59
CA HIS A 91 26.46 -11.18 -29.26
C HIS A 91 27.83 -11.66 -28.78
N PRO A 92 28.88 -11.13 -29.42
CA PRO A 92 30.28 -11.47 -29.14
C PRO A 92 30.66 -11.12 -27.72
N SER A 93 30.56 -12.12 -26.84
CA SER A 93 30.60 -11.91 -25.39
C SER A 93 32.02 -11.78 -24.79
N GLU A 94 32.83 -12.84 -24.94
CA GLU A 94 34.16 -12.95 -24.28
C GLU A 94 34.10 -13.18 -22.74
N ALA A 95 32.88 -13.25 -22.21
CA ALA A 95 32.61 -13.66 -20.82
C ALA A 95 32.13 -15.11 -20.75
N THR A 96 32.58 -15.84 -19.72
CA THR A 96 32.16 -17.23 -19.54
C THR A 96 31.38 -17.50 -18.24
N PHE A 97 30.49 -18.49 -18.32
CA PHE A 97 29.58 -18.83 -17.24
C PHE A 97 29.63 -20.33 -16.97
N SER A 98 29.63 -20.70 -15.69
CA SER A 98 29.43 -22.09 -15.28
C SER A 98 28.65 -22.08 -13.98
N CYS A 99 28.11 -23.25 -13.59
CA CYS A 99 27.44 -23.40 -12.29
C CYS A 99 27.60 -24.78 -11.64
N ASP A 100 27.50 -24.84 -10.31
CA ASP A 100 27.47 -26.09 -9.58
C ASP A 100 26.54 -26.03 -8.34
N CYS A 101 26.00 -27.20 -7.97
CA CYS A 101 24.98 -27.34 -6.91
C CYS A 101 25.43 -28.08 -5.66
N VAL A 102 24.97 -27.61 -4.50
CA VAL A 102 25.34 -28.13 -3.18
C VAL A 102 24.09 -28.10 -2.30
N ALA A 103 23.35 -29.20 -2.28
CA ALA A 103 22.04 -29.27 -1.62
C ALA A 103 21.04 -28.27 -2.24
N ASP A 104 20.58 -27.25 -1.49
CA ASP A 104 19.58 -26.30 -2.00
C ASP A 104 20.19 -25.02 -2.56
N ALA A 105 21.50 -25.06 -2.86
CA ALA A 105 22.29 -23.94 -3.39
C ALA A 105 22.73 -24.15 -4.84
N LEU A 106 22.75 -23.07 -5.61
CA LEU A 106 23.37 -23.04 -6.94
C LEU A 106 24.36 -21.90 -7.02
N ILE A 107 25.58 -22.20 -7.42
CA ILE A 107 26.55 -21.14 -7.62
C ILE A 107 26.80 -20.89 -9.11
N LEU A 108 26.40 -19.70 -9.56
CA LEU A 108 26.67 -19.26 -10.92
C LEU A 108 27.97 -18.41 -10.97
N ARG A 109 28.95 -18.93 -11.70
CA ARG A 109 30.28 -18.33 -11.74
C ARG A 109 30.49 -17.63 -13.05
N VAL A 110 30.99 -16.41 -12.97
CA VAL A 110 31.33 -15.61 -14.15
C VAL A 110 32.83 -15.22 -14.20
N ARG A 111 33.41 -15.38 -15.38
CA ARG A 111 34.73 -14.85 -15.68
C ARG A 111 34.56 -13.88 -16.85
N SER A 112 34.96 -12.61 -16.64
CA SER A 112 35.05 -11.66 -17.73
C SER A 112 36.32 -10.84 -17.61
N GLU A 113 36.31 -9.65 -18.19
CA GLU A 113 37.41 -8.72 -18.04
C GLU A 113 36.92 -7.32 -17.69
N LEU A 114 37.73 -6.59 -16.92
CA LEU A 114 37.40 -5.24 -16.46
C LEU A 114 38.74 -4.53 -16.29
N SER A 115 38.86 -3.32 -16.82
CA SER A 115 40.13 -2.56 -16.77
C SER A 115 41.30 -3.32 -17.43
N GLY A 116 40.96 -4.15 -18.43
CA GLY A 116 41.93 -5.01 -19.11
C GLY A 116 42.56 -6.08 -18.22
N LEU A 117 41.89 -6.38 -17.11
CA LEU A 117 42.29 -7.44 -16.19
C LEU A 117 41.17 -8.49 -16.11
N PRO A 118 41.50 -9.74 -15.72
CA PRO A 118 40.42 -10.69 -15.41
C PRO A 118 39.54 -10.23 -14.23
N PHE A 119 38.23 -10.41 -14.37
CA PHE A 119 37.29 -10.13 -13.30
C PHE A 119 36.44 -11.37 -13.04
N TYR A 120 36.23 -11.66 -11.75
CA TYR A 120 35.44 -12.82 -11.31
C TYR A 120 34.30 -12.39 -10.41
N TRP A 121 33.16 -13.02 -10.61
CA TRP A 121 32.00 -12.84 -9.76
C TRP A 121 31.26 -14.16 -9.61
N ASN A 122 30.82 -14.48 -8.38
CA ASN A 122 30.00 -15.65 -8.14
C ASN A 122 28.65 -15.24 -7.54
N PHE A 123 27.57 -15.72 -8.14
CA PHE A 123 26.24 -15.52 -7.61
C PHE A 123 25.92 -16.74 -6.74
N HIS A 124 25.70 -16.53 -5.44
CA HIS A 124 25.34 -17.62 -4.52
C HIS A 124 23.83 -17.69 -4.34
N CYS A 125 23.23 -18.58 -5.11
CA CYS A 125 21.78 -18.70 -5.17
C CYS A 125 21.28 -19.81 -4.27
N MET A 126 20.17 -19.54 -3.60
CA MET A 126 19.48 -20.50 -2.78
C MET A 126 18.08 -20.74 -3.36
N LEU A 127 17.50 -21.91 -3.09
CA LEU A 127 16.14 -22.22 -3.56
C LEU A 127 15.16 -21.08 -3.25
N ALA A 128 14.46 -20.62 -4.27
CA ALA A 128 13.50 -19.51 -4.13
C ALA A 128 12.34 -19.90 -3.24
N SER A 129 11.92 -18.97 -2.39
CA SER A 129 10.70 -19.10 -1.63
C SER A 129 9.54 -19.45 -2.58
N PRO A 130 8.57 -20.25 -2.12
CA PRO A 130 7.35 -20.48 -2.90
C PRO A 130 6.63 -19.18 -3.35
N SER A 131 6.71 -18.11 -2.53
CA SER A 131 6.12 -16.82 -2.88
C SER A 131 6.76 -16.16 -4.11
N LEU A 132 8.09 -16.27 -4.23
CA LEU A 132 8.80 -15.80 -5.41
C LEU A 132 8.52 -16.68 -6.64
N VAL A 133 8.45 -18.01 -6.46
CA VAL A 133 8.05 -18.90 -7.57
C VAL A 133 6.62 -18.54 -8.03
N SER A 134 5.73 -18.30 -7.07
CA SER A 134 4.36 -17.94 -7.36
C SER A 134 4.29 -16.61 -8.11
N GLN A 135 5.00 -15.62 -7.58
CA GLN A 135 5.01 -14.26 -8.12
C GLN A 135 5.66 -14.11 -9.51
N HIS A 136 6.80 -14.78 -9.73
CA HIS A 136 7.54 -14.66 -10.97
C HIS A 136 7.21 -15.70 -12.02
N LEU A 137 6.58 -16.79 -11.63
CA LEU A 137 6.32 -17.90 -12.58
C LEU A 137 4.87 -18.36 -12.64
N ILE A 138 4.32 -18.91 -11.55
CA ILE A 138 2.95 -19.46 -11.57
C ILE A 138 1.85 -18.47 -11.95
N ARG A 139 1.70 -17.37 -11.17
CA ARG A 139 0.67 -16.36 -11.46
C ARG A 139 0.80 -15.76 -12.89
N PRO A 140 1.99 -15.24 -13.29
CA PRO A 140 2.11 -14.68 -14.67
C PRO A 140 1.86 -15.68 -15.82
N LEU A 141 2.40 -16.89 -15.71
CA LEU A 141 2.15 -17.96 -16.69
C LEU A 141 0.65 -18.32 -16.77
N MET A 142 -0.02 -18.32 -15.63
CA MET A 142 -1.47 -18.51 -15.60
C MET A 142 -2.19 -17.33 -16.27
N GLY A 143 -1.87 -16.08 -15.87
CA GLY A 143 -2.39 -14.85 -16.53
C GLY A 143 -2.18 -14.81 -18.05
N MET A 144 -1.01 -15.25 -18.49
CA MET A 144 -0.64 -15.32 -19.92
C MET A 144 -1.50 -16.30 -20.72
N SER A 145 -1.71 -17.48 -20.15
CA SER A 145 -2.58 -18.49 -20.74
C SER A 145 -4.01 -18.01 -20.87
N LEU A 146 -4.49 -17.25 -19.89
CA LEU A 146 -5.81 -16.71 -19.95
C LEU A 146 -5.93 -15.66 -21.04
N ALA A 147 -4.88 -14.81 -21.15
CA ALA A 147 -4.81 -13.71 -22.13
C ALA A 147 -4.72 -14.24 -23.55
N LEU A 148 -3.94 -15.30 -23.72
CA LEU A 148 -3.81 -15.98 -25.00
C LEU A 148 -5.12 -16.70 -25.42
N GLN A 149 -5.84 -17.24 -24.45
CA GLN A 149 -7.14 -17.83 -24.71
C GLN A 149 -8.14 -16.75 -25.14
N CYS A 150 -8.11 -15.58 -24.50
CA CYS A 150 -8.94 -14.45 -24.93
C CYS A 150 -8.59 -14.00 -26.35
N GLN A 151 -7.29 -13.91 -26.68
CA GLN A 151 -6.85 -13.63 -28.08
C GLN A 151 -7.48 -14.61 -29.07
N VAL A 152 -7.33 -15.90 -28.79
CA VAL A 152 -8.02 -16.98 -29.52
C VAL A 152 -9.53 -16.80 -29.73
N ARG A 153 -10.28 -16.43 -28.68
CA ARG A 153 -11.71 -16.20 -28.78
C ARG A 153 -12.01 -14.99 -29.65
N GLU A 154 -11.17 -13.96 -29.54
CA GLU A 154 -11.29 -12.76 -30.37
C GLU A 154 -11.03 -13.04 -31.85
N LEU A 155 -10.03 -13.87 -32.14
CA LEU A 155 -9.73 -14.24 -33.51
C LEU A 155 -10.81 -15.16 -34.10
N ALA A 156 -11.42 -16.02 -33.26
CA ALA A 156 -12.55 -16.84 -33.68
C ALA A 156 -13.73 -15.92 -34.06
N THR A 157 -13.99 -14.90 -33.25
CA THR A 157 -15.02 -13.92 -33.56
C THR A 157 -14.76 -13.21 -34.90
N LEU A 158 -13.53 -12.79 -35.15
CA LEU A 158 -13.18 -12.12 -36.40
C LEU A 158 -13.42 -13.04 -37.61
N LEU A 159 -13.08 -14.31 -37.44
CA LEU A 159 -13.25 -15.35 -38.45
C LEU A 159 -14.69 -15.61 -38.87
N HIS A 160 -15.60 -15.71 -37.91
CA HIS A 160 -17.04 -15.78 -38.18
C HIS A 160 -17.57 -14.60 -38.98
N MET A 161 -17.04 -13.39 -38.72
CA MET A 161 -17.42 -12.19 -39.48
C MET A 161 -16.90 -12.21 -40.93
N LYS A 162 -15.68 -12.71 -41.13
CA LYS A 162 -15.11 -12.94 -42.46
C LYS A 162 -15.96 -13.92 -43.27
N ASP A 163 -16.39 -15.01 -42.62
CA ASP A 163 -17.26 -16.00 -43.23
C ASP A 163 -18.65 -15.46 -43.54
N LEU A 164 -19.17 -14.62 -42.65
CA LEU A 164 -20.43 -13.91 -42.89
C LEU A 164 -20.36 -13.01 -44.13
N GLU A 165 -19.24 -12.31 -44.30
CA GLU A 165 -19.02 -11.49 -45.48
C GLU A 165 -18.87 -12.35 -46.74
N ILE A 166 -18.18 -13.48 -46.62
CA ILE A 166 -18.06 -14.47 -47.72
C ILE A 166 -19.45 -15.05 -48.10
N GLN A 167 -20.27 -15.35 -47.09
CA GLN A 167 -21.62 -15.82 -47.33
C GLN A 167 -22.40 -14.73 -48.06
N ASP A 168 -22.24 -13.47 -47.65
CA ASP A 168 -22.94 -12.33 -48.30
C ASP A 168 -22.70 -12.23 -49.80
N TYR A 169 -21.45 -12.40 -50.24
CA TYR A 169 -21.12 -12.49 -51.66
C TYR A 169 -21.79 -13.69 -52.35
N GLN A 170 -21.66 -14.87 -51.74
CA GLN A 170 -22.22 -16.11 -52.29
C GLN A 170 -23.75 -16.01 -52.52
N GLU A 171 -24.46 -15.44 -51.56
CA GLU A 171 -25.90 -15.34 -51.57
C GLU A 171 -26.44 -14.29 -52.55
N SER A 172 -25.56 -13.39 -52.99
CA SER A 172 -25.91 -12.36 -53.94
C SER A 172 -25.48 -12.68 -55.38
N GLY A 173 -25.06 -13.92 -55.61
CA GLY A 173 -24.80 -14.42 -56.96
C GLY A 173 -23.37 -14.37 -57.45
N ALA A 174 -22.46 -13.88 -56.60
CA ALA A 174 -21.03 -13.75 -56.94
C ALA A 174 -20.49 -15.02 -57.60
N THR A 175 -20.75 -16.17 -56.98
CA THR A 175 -20.39 -17.45 -57.54
C THR A 175 -21.64 -18.36 -57.53
N LEU A 176 -21.81 -19.19 -58.55
CA LEU A 176 -22.95 -20.11 -58.61
C LEU A 176 -22.55 -21.57 -58.47
N ILE A 177 -21.38 -21.91 -59.00
CA ILE A 177 -20.78 -23.23 -58.84
C ILE A 177 -19.41 -23.07 -58.18
N ARG A 178 -19.06 -23.97 -57.27
CA ARG A 178 -17.72 -24.04 -56.69
C ARG A 178 -16.74 -24.39 -57.80
N ASP A 179 -15.76 -23.51 -58.04
CA ASP A 179 -14.82 -23.62 -59.18
C ASP A 179 -13.35 -23.72 -58.76
N ARG A 180 -13.10 -23.83 -57.46
CA ARG A 180 -11.74 -23.86 -56.91
C ARG A 180 -11.80 -24.17 -55.42
N LEU A 181 -10.68 -24.68 -54.91
CA LEU A 181 -10.49 -24.92 -53.49
C LEU A 181 -10.31 -23.60 -52.70
N LYS A 182 -11.36 -23.25 -51.97
CA LYS A 182 -11.37 -22.13 -51.05
C LYS A 182 -11.40 -22.65 -49.62
N THR A 183 -11.17 -21.76 -48.64
CA THR A 183 -11.23 -22.17 -47.24
C THR A 183 -12.64 -22.61 -46.86
N GLU A 184 -12.72 -23.52 -45.89
CA GLU A 184 -13.99 -23.96 -45.33
C GLU A 184 -14.45 -22.97 -44.27
N PRO A 185 -15.77 -22.84 -44.06
CA PRO A 185 -16.18 -21.97 -42.97
C PRO A 185 -15.45 -22.38 -41.70
N PHE A 186 -15.01 -21.39 -40.90
CA PHE A 186 -14.39 -21.65 -39.58
C PHE A 186 -15.30 -22.28 -38.52
N GLU A 187 -14.93 -23.49 -38.09
CA GLU A 187 -15.62 -24.15 -36.99
C GLU A 187 -14.63 -24.38 -35.85
N GLU A 188 -14.87 -23.71 -34.73
CA GLU A 188 -13.92 -23.80 -33.61
C GLU A 188 -13.69 -25.21 -33.03
N ASN A 189 -14.74 -26.04 -32.92
CA ASN A 189 -14.57 -27.43 -32.43
C ASN A 189 -13.63 -28.29 -33.28
N SER A 190 -13.77 -28.18 -34.60
CA SER A 190 -12.88 -28.93 -35.49
C SER A 190 -11.51 -28.28 -35.56
N PHE A 191 -11.43 -26.95 -35.49
CA PHE A 191 -10.10 -26.32 -35.34
C PHE A 191 -9.33 -26.86 -34.13
N LEU A 192 -10.00 -26.91 -32.98
CA LEU A 192 -9.41 -27.39 -31.74
C LEU A 192 -9.03 -28.87 -31.82
N GLU A 193 -9.96 -29.73 -32.22
CA GLU A 193 -9.67 -31.15 -32.26
C GLU A 193 -8.51 -31.50 -33.22
N GLN A 194 -8.43 -30.83 -34.38
CA GLN A 194 -7.32 -31.07 -35.31
C GLN A 194 -6.00 -30.55 -34.75
N PHE A 195 -6.06 -29.39 -34.08
CA PHE A 195 -4.89 -28.82 -33.43
C PHE A 195 -4.25 -29.81 -32.44
N MET A 196 -5.05 -30.37 -31.54
CA MET A 196 -4.56 -31.29 -30.49
C MET A 196 -3.91 -32.53 -31.08
N ILE A 197 -4.53 -33.07 -32.11
CA ILE A 197 -4.02 -34.23 -32.84
C ILE A 197 -2.72 -33.91 -33.57
N GLU A 198 -2.74 -32.85 -34.39
CA GLU A 198 -1.65 -32.57 -35.34
C GLU A 198 -0.58 -31.63 -34.82
N LYS A 199 -0.99 -30.61 -34.08
CA LYS A 199 -0.07 -29.53 -33.73
C LYS A 199 0.38 -29.50 -32.26
N LEU A 200 -0.43 -30.01 -31.34
CA LEU A 200 -0.14 -29.89 -29.88
C LEU A 200 1.23 -30.42 -29.41
N PRO A 201 1.62 -31.65 -29.81
CA PRO A 201 2.88 -32.22 -29.29
C PRO A 201 4.09 -31.30 -29.47
N GLU A 202 4.23 -30.73 -30.65
CA GLU A 202 5.35 -29.87 -30.98
C GLU A 202 5.16 -28.44 -30.45
N ALA A 203 3.93 -27.93 -30.53
CA ALA A 203 3.60 -26.58 -30.08
C ALA A 203 3.83 -26.33 -28.59
N CYS A 204 3.56 -27.33 -27.74
CA CYS A 204 3.72 -27.19 -26.27
C CYS A 204 5.15 -27.49 -25.73
N SER A 205 6.07 -27.81 -26.65
CA SER A 205 7.41 -28.28 -26.30
C SER A 205 8.23 -27.16 -25.65
N ILE A 206 8.44 -27.33 -24.35
CA ILE A 206 9.28 -26.50 -23.50
C ILE A 206 10.75 -26.51 -23.97
N GLY A 207 11.32 -27.69 -24.17
CA GLY A 207 12.75 -27.84 -24.51
C GLY A 207 13.67 -27.22 -23.46
N ASP A 208 14.69 -26.51 -23.90
CA ASP A 208 15.65 -25.85 -23.00
C ASP A 208 15.16 -24.49 -22.48
N GLY A 209 13.93 -24.13 -22.84
CA GLY A 209 13.29 -22.92 -22.36
C GLY A 209 13.43 -21.79 -23.36
N LYS A 210 14.27 -21.99 -24.38
CA LYS A 210 14.50 -20.96 -25.39
C LYS A 210 13.23 -20.49 -26.14
N PRO A 211 12.32 -21.42 -26.52
CA PRO A 211 11.01 -20.99 -27.07
C PRO A 211 10.27 -19.95 -26.24
N PHE A 212 10.22 -20.15 -24.92
CA PHE A 212 9.59 -19.22 -23.96
C PHE A 212 10.24 -17.81 -24.00
N VAL A 213 11.56 -17.77 -23.85
CA VAL A 213 12.37 -16.54 -23.93
C VAL A 213 12.25 -15.81 -25.28
N MET A 214 12.13 -16.55 -26.37
CA MET A 214 12.12 -15.94 -27.71
C MET A 214 10.71 -15.59 -28.19
N ASN A 215 9.69 -16.25 -27.64
CA ASN A 215 8.31 -16.03 -28.09
C ASN A 215 7.38 -15.23 -27.17
N LEU A 216 7.63 -15.28 -25.87
CA LEU A 216 6.57 -14.91 -24.93
C LEU A 216 6.90 -13.83 -23.90
N GLN A 217 8.04 -13.14 -24.08
CA GLN A 217 8.49 -12.17 -23.07
C GLN A 217 7.78 -10.80 -23.06
N ASP A 218 7.28 -10.38 -24.23
CA ASP A 218 6.45 -9.17 -24.30
C ASP A 218 5.19 -9.35 -23.46
N LEU A 219 4.55 -10.50 -23.63
CA LEU A 219 3.38 -10.87 -22.87
C LEU A 219 3.67 -11.08 -21.39
N TYR A 220 4.76 -11.78 -21.09
CA TYR A 220 5.23 -11.95 -19.73
C TYR A 220 5.42 -10.63 -18.97
N MET A 221 6.24 -9.73 -19.51
CA MET A 221 6.40 -8.41 -18.89
C MET A 221 5.09 -7.62 -18.76
N ALA A 222 4.20 -7.74 -19.74
CA ALA A 222 2.90 -7.04 -19.68
C ALA A 222 2.04 -7.59 -18.55
N VAL A 223 2.08 -8.90 -18.39
CA VAL A 223 1.37 -9.58 -17.31
C VAL A 223 1.95 -9.31 -15.91
N THR A 224 3.26 -9.42 -15.71
CA THR A 224 3.85 -9.12 -14.38
C THR A 224 3.68 -7.65 -13.95
N THR A 225 3.78 -6.75 -14.94
CA THR A 225 3.46 -5.34 -14.76
C THR A 225 2.01 -5.09 -14.30
N GLN A 226 1.05 -5.80 -14.89
CA GLN A 226 -0.33 -5.65 -14.50
C GLN A 226 -0.56 -6.04 -13.03
N GLU A 227 0.02 -7.16 -12.57
CA GLU A 227 -0.13 -7.56 -11.15
C GLU A 227 0.49 -6.58 -10.14
N VAL A 228 1.71 -6.11 -10.43
CA VAL A 228 2.38 -5.06 -9.63
C VAL A 228 1.44 -3.87 -9.42
N GLN A 229 0.85 -3.41 -10.51
CA GLN A 229 -0.06 -2.25 -10.51
C GLN A 229 -1.39 -2.57 -9.83
N VAL A 230 -1.89 -3.79 -9.96
CA VAL A 230 -3.08 -4.26 -9.23
C VAL A 230 -2.81 -4.44 -7.72
N GLY A 231 -1.64 -4.97 -7.38
CA GLY A 231 -1.27 -5.27 -5.98
C GLY A 231 -0.94 -4.08 -5.09
N GLN A 232 -1.26 -2.87 -5.56
CA GLN A 232 -0.99 -1.65 -4.81
C GLN A 232 -2.23 -1.10 -4.15
N SER B 1 5.43 -48.34 -7.74
CA SER B 1 4.70 -48.88 -6.56
C SER B 1 3.30 -48.25 -6.45
N GLY B 2 2.70 -48.35 -5.26
CA GLY B 2 1.43 -47.70 -4.95
C GLY B 2 1.47 -46.20 -5.19
N MET B 3 2.49 -45.54 -4.62
CA MET B 3 2.57 -44.08 -4.64
C MET B 3 2.94 -43.49 -6.00
N GLU B 4 3.87 -44.14 -6.70
CA GLU B 4 4.27 -43.70 -8.04
C GLU B 4 3.06 -43.68 -8.98
N GLU B 5 2.22 -44.72 -8.87
CA GLU B 5 1.00 -44.83 -9.66
C GLU B 5 -0.01 -43.73 -9.29
N LEU B 6 -0.15 -43.45 -8.00
CA LEU B 6 -1.06 -42.38 -7.52
C LEU B 6 -0.62 -40.97 -7.96
N GLU B 7 0.69 -40.80 -8.07
CA GLU B 7 1.28 -39.53 -8.47
C GLU B 7 1.11 -39.32 -9.96
N GLN B 8 1.30 -40.41 -10.71
CA GLN B 8 1.09 -40.45 -12.16
C GLN B 8 -0.35 -40.07 -12.53
N GLY B 9 -1.33 -40.66 -11.83
CA GLY B 9 -2.75 -40.35 -12.03
C GLY B 9 -3.13 -38.93 -11.63
N LEU B 10 -2.55 -38.44 -10.54
CA LEU B 10 -2.73 -37.05 -10.11
C LEU B 10 -2.29 -36.03 -11.19
N LEU B 11 -1.12 -36.27 -11.79
CA LEU B 11 -0.63 -35.48 -12.90
C LEU B 11 -1.61 -35.37 -14.11
N MET B 12 -2.27 -36.48 -14.46
CA MET B 12 -3.32 -36.52 -15.51
C MET B 12 -4.60 -35.76 -15.12
N GLN B 13 -4.81 -35.57 -13.82
CA GLN B 13 -6.03 -34.93 -13.32
C GLN B 13 -6.07 -33.43 -13.66
N PRO B 14 -7.26 -32.90 -13.97
CA PRO B 14 -7.38 -31.46 -14.20
C PRO B 14 -7.42 -30.73 -12.88
N TRP B 15 -7.20 -29.42 -12.90
CA TRP B 15 -7.48 -28.58 -11.73
C TRP B 15 -8.95 -28.25 -11.55
N ALA B 16 -9.41 -28.26 -10.30
CA ALA B 16 -10.79 -27.96 -9.98
C ALA B 16 -10.85 -26.80 -8.97
N TRP B 17 -11.99 -26.13 -8.93
CA TRP B 17 -12.24 -25.02 -8.01
C TRP B 17 -13.07 -25.53 -6.86
N LEU B 18 -12.73 -25.14 -5.63
CA LEU B 18 -13.43 -25.63 -4.45
C LEU B 18 -13.87 -24.49 -3.53
N GLN B 19 -15.18 -24.41 -3.32
CA GLN B 19 -15.78 -23.40 -2.45
C GLN B 19 -15.66 -23.81 -1.00
N LEU B 20 -15.29 -22.87 -0.13
CA LEU B 20 -15.38 -23.09 1.33
C LEU B 20 -15.79 -21.82 2.08
N ALA B 21 -16.64 -22.00 3.10
CA ALA B 21 -17.30 -20.87 3.79
C ALA B 21 -16.44 -19.61 3.85
N GLU B 22 -15.21 -19.77 4.32
CA GLU B 22 -14.26 -18.65 4.37
C GLU B 22 -13.75 -18.27 2.97
N ASN B 23 -12.99 -19.17 2.32
CA ASN B 23 -12.36 -18.87 1.01
C ASN B 23 -12.58 -19.92 -0.09
N SER B 24 -11.64 -19.98 -1.02
CA SER B 24 -11.66 -21.01 -2.05
C SER B 24 -10.25 -21.49 -2.35
N LEU B 25 -10.17 -22.66 -2.98
CA LEU B 25 -8.90 -23.26 -3.31
C LEU B 25 -8.93 -23.84 -4.71
N LEU B 26 -7.75 -24.00 -5.30
CA LEU B 26 -7.62 -24.88 -6.45
C LEU B 26 -7.19 -26.26 -5.95
N ALA B 27 -7.87 -27.29 -6.42
CA ALA B 27 -7.62 -28.67 -5.96
C ALA B 27 -7.61 -29.69 -7.09
N LYS B 28 -6.67 -30.63 -7.03
CA LYS B 28 -6.75 -31.87 -7.83
C LYS B 28 -6.46 -33.09 -6.94
N VAL B 29 -7.07 -34.22 -7.27
CA VAL B 29 -7.00 -35.41 -6.39
C VAL B 29 -7.15 -36.66 -7.24
N PHE B 30 -6.48 -37.73 -6.82
CA PHE B 30 -6.55 -39.02 -7.48
C PHE B 30 -6.68 -40.11 -6.42
N ILE B 31 -7.86 -40.72 -6.35
CA ILE B 31 -8.19 -41.73 -5.34
C ILE B 31 -8.39 -43.12 -5.93
N THR B 32 -7.60 -44.08 -5.46
CA THR B 32 -7.86 -45.49 -5.75
C THR B 32 -8.03 -46.25 -4.43
N LYS B 33 -8.14 -47.58 -4.53
CA LYS B 33 -8.26 -48.42 -3.34
C LYS B 33 -6.93 -48.46 -2.55
N GLN B 34 -5.84 -48.04 -3.20
CA GLN B 34 -4.50 -48.04 -2.58
C GLN B 34 -4.11 -46.75 -1.80
N GLY B 35 -5.00 -45.75 -1.80
CA GLY B 35 -4.76 -44.45 -1.17
C GLY B 35 -5.20 -43.30 -2.07
N TYR B 36 -4.58 -42.14 -1.89
CA TYR B 36 -4.81 -40.99 -2.78
C TYR B 36 -3.60 -40.07 -2.79
N ALA B 37 -3.52 -39.23 -3.82
CA ALA B 37 -2.59 -38.09 -3.78
C ALA B 37 -3.41 -36.84 -4.06
N LEU B 38 -3.09 -35.77 -3.32
CA LEU B 38 -3.81 -34.52 -3.39
C LEU B 38 -2.85 -33.31 -3.61
N LEU B 39 -3.19 -32.43 -4.55
CA LEU B 39 -2.52 -31.11 -4.67
C LEU B 39 -3.50 -29.96 -4.53
N VAL B 40 -3.12 -28.96 -3.76
CA VAL B 40 -3.99 -27.85 -3.41
C VAL B 40 -3.22 -26.53 -3.51
N SER B 41 -3.85 -25.49 -4.04
CA SER B 41 -3.21 -24.20 -4.13
C SER B 41 -4.19 -23.05 -3.89
N ASP B 42 -3.70 -22.01 -3.22
CA ASP B 42 -4.47 -20.75 -3.10
C ASP B 42 -3.90 -19.68 -4.05
N LEU B 43 -3.02 -20.10 -4.96
CA LEU B 43 -2.33 -19.25 -5.94
C LEU B 43 -1.07 -18.51 -5.42
N GLN B 44 -0.83 -18.63 -4.12
CA GLN B 44 0.37 -18.08 -3.48
C GLN B 44 1.26 -19.25 -3.05
N GLN B 45 0.63 -20.31 -2.53
CA GLN B 45 1.32 -21.51 -2.13
C GLN B 45 0.66 -22.73 -2.71
N VAL B 46 1.43 -23.82 -2.73
CA VAL B 46 1.00 -25.14 -3.22
C VAL B 46 1.22 -26.14 -2.07
N TRP B 47 0.19 -26.93 -1.75
CA TRP B 47 0.26 -28.00 -0.73
C TRP B 47 0.03 -29.40 -1.34
N HIS B 48 0.65 -30.41 -0.72
CA HIS B 48 0.58 -31.80 -1.16
C HIS B 48 0.26 -32.73 0.00
N GLU B 49 -0.55 -33.76 -0.30
CA GLU B 49 -0.70 -34.95 0.56
C GLU B 49 -0.75 -36.24 -0.26
N GLN B 50 -0.13 -37.28 0.28
CA GLN B 50 -0.39 -38.63 -0.17
C GLN B 50 -0.67 -39.50 1.04
N VAL B 51 -1.58 -40.47 0.88
CA VAL B 51 -1.83 -41.43 1.94
C VAL B 51 -1.85 -42.82 1.34
N ASP B 52 -1.41 -43.81 2.12
CA ASP B 52 -1.57 -45.21 1.72
C ASP B 52 -2.69 -45.86 2.54
N THR B 53 -2.84 -47.18 2.44
CA THR B 53 -3.88 -47.92 3.17
C THR B 53 -3.65 -47.96 4.70
N SER B 54 -2.39 -47.93 5.14
CA SER B 54 -2.06 -47.88 6.57
C SER B 54 -2.52 -46.59 7.22
N VAL B 55 -2.17 -45.49 6.58
CA VAL B 55 -2.57 -44.16 7.04
C VAL B 55 -4.12 -44.02 7.03
N VAL B 56 -4.77 -44.35 5.92
CA VAL B 56 -6.24 -44.37 5.85
C VAL B 56 -6.85 -45.20 6.98
N SER B 57 -6.40 -46.42 7.16
CA SER B 57 -6.88 -47.27 8.26
C SER B 57 -6.71 -46.62 9.66
N GLN B 58 -5.53 -46.08 9.93
CA GLN B 58 -5.26 -45.40 11.21
C GLN B 58 -6.13 -44.14 11.43
N ARG B 59 -6.18 -43.27 10.42
CA ARG B 59 -6.88 -41.99 10.53
C ARG B 59 -8.40 -42.14 10.52
N ALA B 60 -8.92 -43.06 9.70
CA ALA B 60 -10.37 -43.30 9.60
C ALA B 60 -10.94 -43.92 10.88
N LYS B 61 -10.15 -44.79 11.53
CA LYS B 61 -10.50 -45.41 12.81
C LYS B 61 -10.47 -44.40 13.94
N GLU B 62 -9.50 -43.48 13.89
CA GLU B 62 -9.34 -42.43 14.88
C GLU B 62 -10.48 -41.44 14.81
N LEU B 63 -10.88 -41.10 13.59
CA LEU B 63 -11.90 -40.10 13.35
C LEU B 63 -13.34 -40.63 13.42
N ASN B 64 -13.49 -41.94 13.28
CA ASN B 64 -14.79 -42.55 13.13
C ASN B 64 -14.78 -43.89 13.86
N LYS B 65 -14.82 -43.82 15.19
CA LYS B 65 -14.57 -44.98 16.06
C LYS B 65 -15.62 -46.07 15.94
N ARG B 66 -16.82 -45.67 15.52
CA ARG B 66 -17.93 -46.62 15.38
C ARG B 66 -18.23 -46.86 13.89
N LEU B 67 -17.16 -46.99 13.11
CA LEU B 67 -17.20 -47.33 11.68
C LEU B 67 -16.26 -48.53 11.45
N THR B 68 -16.66 -49.46 10.59
CA THR B 68 -16.04 -50.79 10.62
C THR B 68 -15.39 -51.38 9.35
N ALA B 69 -15.79 -50.89 8.17
CA ALA B 69 -15.28 -51.40 6.88
C ALA B 69 -13.79 -51.08 6.62
N PRO B 70 -13.12 -51.85 5.72
CA PRO B 70 -11.70 -51.63 5.37
C PRO B 70 -11.43 -50.31 4.61
N PRO B 71 -10.13 -49.92 4.48
CA PRO B 71 -9.67 -48.73 3.75
C PRO B 71 -10.27 -48.51 2.35
N ALA B 72 -10.31 -49.56 1.51
CA ALA B 72 -10.89 -49.51 0.16
C ALA B 72 -12.31 -48.92 0.11
N ALA B 73 -13.15 -49.30 1.07
CA ALA B 73 -14.51 -48.77 1.18
C ALA B 73 -14.55 -47.31 1.68
N PHE B 74 -13.58 -46.95 2.51
CA PHE B 74 -13.47 -45.58 2.99
C PHE B 74 -12.99 -44.64 1.88
N LEU B 75 -11.94 -45.06 1.16
CA LEU B 75 -11.46 -44.36 -0.03
C LEU B 75 -12.53 -44.30 -1.12
N CYS B 76 -13.40 -45.30 -1.15
CA CYS B 76 -14.54 -45.28 -2.06
C CYS B 76 -15.55 -44.18 -1.72
N HIS B 77 -15.91 -44.04 -0.44
CA HIS B 77 -16.79 -42.95 -0.03
C HIS B 77 -16.18 -41.55 -0.21
N LEU B 78 -14.91 -41.38 0.18
CA LEU B 78 -14.20 -40.12 -0.07
C LEU B 78 -14.29 -39.69 -1.53
N ASP B 79 -14.12 -40.65 -2.44
CA ASP B 79 -14.16 -40.39 -3.86
C ASP B 79 -15.58 -40.00 -4.29
N ASN B 80 -16.58 -40.61 -3.68
CA ASN B 80 -17.99 -40.29 -4.00
C ASN B 80 -18.43 -38.91 -3.49
N LEU B 81 -17.90 -38.48 -2.34
CA LEU B 81 -18.12 -37.11 -1.88
C LEU B 81 -17.32 -36.10 -2.70
N LEU B 82 -16.12 -36.49 -3.12
CA LEU B 82 -15.17 -35.56 -3.71
C LEU B 82 -15.36 -35.34 -5.20
N ARG B 83 -15.21 -36.39 -6.01
CA ARG B 83 -15.12 -36.27 -7.47
C ARG B 83 -16.34 -35.63 -8.17
N PRO B 84 -17.58 -35.99 -7.77
CA PRO B 84 -18.73 -35.27 -8.34
C PRO B 84 -18.69 -33.76 -8.06
N LEU B 85 -18.26 -33.37 -6.86
CA LEU B 85 -18.15 -31.96 -6.45
C LEU B 85 -17.04 -31.20 -7.17
N LEU B 86 -16.03 -31.92 -7.64
CA LEU B 86 -14.93 -31.34 -8.38
C LEU B 86 -15.25 -31.22 -9.89
N LYS B 87 -16.21 -32.02 -10.36
CA LYS B 87 -16.69 -31.94 -11.73
C LYS B 87 -17.67 -30.78 -11.96
N ASP B 88 -18.46 -30.47 -10.93
CA ASP B 88 -19.36 -29.33 -10.95
C ASP B 88 -19.59 -28.77 -9.56
N ALA B 89 -19.34 -27.48 -9.38
CA ALA B 89 -19.61 -26.77 -8.12
C ALA B 89 -21.11 -26.60 -7.87
N ALA B 90 -21.91 -26.63 -8.94
CA ALA B 90 -23.37 -26.46 -8.88
C ALA B 90 -24.13 -27.77 -8.57
N HIS B 91 -23.43 -28.77 -8.05
CA HIS B 91 -23.99 -30.10 -7.81
C HIS B 91 -24.20 -30.40 -6.31
N PRO B 92 -25.47 -30.69 -5.92
CA PRO B 92 -25.93 -30.86 -4.52
C PRO B 92 -25.04 -31.78 -3.68
N SER B 93 -24.28 -31.18 -2.76
CA SER B 93 -23.28 -31.91 -1.99
C SER B 93 -23.81 -32.42 -0.65
N GLU B 94 -23.43 -33.66 -0.31
CA GLU B 94 -23.81 -34.28 0.96
C GLU B 94 -22.81 -33.92 2.06
N ALA B 95 -21.76 -33.20 1.68
CA ALA B 95 -20.67 -32.90 2.61
C ALA B 95 -20.52 -31.39 2.89
N THR B 96 -19.82 -31.08 3.98
CA THR B 96 -19.39 -29.72 4.30
C THR B 96 -17.86 -29.69 4.32
N PHE B 97 -17.28 -28.62 3.76
CA PHE B 97 -15.84 -28.44 3.74
C PHE B 97 -15.39 -27.19 4.48
N SER B 98 -14.27 -27.32 5.18
CA SER B 98 -13.58 -26.17 5.75
C SER B 98 -12.09 -26.34 5.54
N CYS B 99 -11.35 -25.31 5.90
CA CYS B 99 -9.94 -25.27 5.65
C CYS B 99 -9.26 -24.41 6.70
N ASP B 100 -8.21 -24.97 7.30
CA ASP B 100 -7.43 -24.32 8.36
C ASP B 100 -5.92 -24.40 8.07
N CYS B 101 -5.20 -23.32 8.34
CA CYS B 101 -3.75 -23.30 8.24
C CYS B 101 -3.09 -23.36 9.61
N VAL B 102 -2.29 -24.39 9.79
CA VAL B 102 -1.54 -24.63 11.02
C VAL B 102 -0.06 -24.57 10.65
N ALA B 103 0.61 -23.49 11.02
CA ALA B 103 1.99 -23.23 10.63
C ALA B 103 2.11 -23.24 9.10
N ASP B 104 3.02 -24.06 8.56
CA ASP B 104 3.23 -24.21 7.11
C ASP B 104 2.30 -25.25 6.44
N ALA B 105 1.37 -25.80 7.21
CA ALA B 105 0.51 -26.88 6.74
C ALA B 105 -0.91 -26.40 6.44
N LEU B 106 -1.59 -27.15 5.56
CA LEU B 106 -2.99 -26.88 5.24
C LEU B 106 -3.74 -28.14 5.56
N ILE B 107 -4.85 -27.97 6.28
CA ILE B 107 -5.73 -29.09 6.62
C ILE B 107 -7.13 -28.83 6.04
N LEU B 108 -7.50 -29.61 5.04
CA LEU B 108 -8.84 -29.60 4.49
C LEU B 108 -9.70 -30.59 5.26
N ARG B 109 -10.79 -30.09 5.86
CA ARG B 109 -11.66 -30.89 6.69
C ARG B 109 -12.93 -31.23 5.91
N VAL B 110 -13.41 -32.47 6.10
CA VAL B 110 -14.67 -32.92 5.52
C VAL B 110 -15.62 -33.38 6.63
N ARG B 111 -16.87 -32.96 6.49
CA ARG B 111 -17.95 -33.36 7.38
C ARG B 111 -19.06 -33.98 6.52
N SER B 112 -19.40 -35.23 6.77
CA SER B 112 -20.47 -35.90 6.04
C SER B 112 -21.27 -36.84 6.94
N GLU B 113 -22.13 -37.65 6.32
CA GLU B 113 -22.84 -38.72 7.00
C GLU B 113 -22.71 -39.99 6.17
N LEU B 114 -22.58 -41.13 6.85
CA LEU B 114 -22.70 -42.44 6.19
C LEU B 114 -23.52 -43.43 7.04
N SER B 115 -24.67 -43.83 6.50
CA SER B 115 -25.61 -44.76 7.14
C SER B 115 -26.08 -44.32 8.52
N GLY B 116 -26.61 -43.09 8.59
CA GLY B 116 -27.15 -42.52 9.84
C GLY B 116 -26.10 -42.09 10.86
N LEU B 117 -24.83 -42.32 10.55
CA LEU B 117 -23.72 -41.93 11.43
C LEU B 117 -22.98 -40.73 10.82
N PRO B 118 -22.25 -39.94 11.66
CA PRO B 118 -21.42 -38.90 11.05
C PRO B 118 -20.14 -39.47 10.43
N PHE B 119 -19.70 -38.85 9.34
CA PHE B 119 -18.51 -39.25 8.61
C PHE B 119 -17.54 -38.08 8.58
N TYR B 120 -16.30 -38.31 9.04
CA TYR B 120 -15.27 -37.29 9.11
C TYR B 120 -13.99 -37.72 8.38
N TRP B 121 -13.41 -36.79 7.64
CA TRP B 121 -12.07 -36.95 7.09
C TRP B 121 -11.28 -35.65 7.21
N ASN B 122 -9.98 -35.79 7.45
CA ASN B 122 -9.03 -34.69 7.33
C ASN B 122 -7.92 -35.05 6.31
N PHE B 123 -7.73 -34.13 5.36
CA PHE B 123 -6.61 -34.17 4.44
C PHE B 123 -5.52 -33.26 5.03
N HIS B 124 -4.44 -33.85 5.54
CA HIS B 124 -3.35 -33.06 6.13
C HIS B 124 -2.26 -32.84 5.08
N CYS B 125 -2.05 -31.57 4.71
CA CYS B 125 -1.15 -31.21 3.60
C CYS B 125 0.08 -30.44 4.05
N MET B 126 1.21 -30.79 3.46
CA MET B 126 2.45 -30.06 3.63
C MET B 126 2.77 -29.25 2.33
N LEU B 127 3.67 -28.28 2.45
CA LEU B 127 4.12 -27.52 1.30
C LEU B 127 4.69 -28.49 0.27
N ALA B 128 4.19 -28.39 -0.97
CA ALA B 128 4.61 -29.31 -2.03
C ALA B 128 6.05 -29.02 -2.41
N SER B 129 6.75 -30.05 -2.87
CA SER B 129 8.12 -29.92 -3.25
C SER B 129 8.18 -29.06 -4.51
N PRO B 130 9.34 -28.39 -4.73
CA PRO B 130 9.61 -27.65 -5.98
C PRO B 130 9.32 -28.49 -7.24
N SER B 131 9.60 -29.78 -7.16
CA SER B 131 9.41 -30.72 -8.24
C SER B 131 7.94 -30.98 -8.58
N LEU B 132 7.06 -30.94 -7.59
CA LEU B 132 5.62 -31.09 -7.88
C LEU B 132 5.06 -29.79 -8.43
N VAL B 133 5.52 -28.67 -7.89
CA VAL B 133 5.14 -27.36 -8.35
C VAL B 133 5.50 -27.18 -9.84
N SER B 134 6.70 -27.57 -10.19
CA SER B 134 7.12 -27.45 -11.58
C SER B 134 6.33 -28.42 -12.52
N GLN B 135 6.12 -29.64 -12.07
CA GLN B 135 5.48 -30.69 -12.87
C GLN B 135 3.98 -30.44 -13.09
N HIS B 136 3.31 -29.94 -12.04
CA HIS B 136 1.88 -29.80 -12.06
C HIS B 136 1.43 -28.40 -12.44
N LEU B 137 2.35 -27.44 -12.41
CA LEU B 137 2.02 -26.03 -12.69
C LEU B 137 2.96 -25.29 -13.64
N ILE B 138 4.23 -25.13 -13.29
CA ILE B 138 5.13 -24.28 -14.08
C ILE B 138 5.31 -24.80 -15.51
N ARG B 139 5.71 -26.05 -15.68
CA ARG B 139 5.93 -26.60 -17.01
C ARG B 139 4.63 -26.69 -17.85
N PRO B 140 3.55 -27.32 -17.33
CA PRO B 140 2.31 -27.26 -18.11
C PRO B 140 1.83 -25.83 -18.43
N LEU B 141 1.81 -24.92 -17.46
CA LEU B 141 1.39 -23.55 -17.78
C LEU B 141 2.25 -22.90 -18.90
N MET B 142 3.57 -23.08 -18.83
CA MET B 142 4.48 -22.75 -19.94
C MET B 142 4.12 -23.46 -21.27
N GLY B 143 3.83 -24.75 -21.20
CA GLY B 143 3.42 -25.53 -22.39
C GLY B 143 2.19 -24.91 -23.04
N MET B 144 1.24 -24.57 -22.20
CA MET B 144 -0.05 -24.00 -22.58
C MET B 144 0.04 -22.64 -23.26
N SER B 145 0.86 -21.73 -22.71
CA SER B 145 1.12 -20.46 -23.36
C SER B 145 1.77 -20.63 -24.75
N LEU B 146 2.76 -21.51 -24.85
CA LEU B 146 3.37 -21.77 -26.16
C LEU B 146 2.35 -22.31 -27.16
N ALA B 147 1.52 -23.24 -26.69
CA ALA B 147 0.52 -23.91 -27.53
C ALA B 147 -0.53 -22.92 -28.02
N LEU B 148 -1.03 -22.10 -27.10
CA LEU B 148 -2.04 -21.09 -27.41
C LEU B 148 -1.52 -20.01 -28.36
N GLN B 149 -0.23 -19.70 -28.23
CA GLN B 149 0.43 -18.77 -29.12
C GLN B 149 0.48 -19.33 -30.55
N CYS B 150 0.74 -20.64 -30.67
CA CYS B 150 0.69 -21.32 -31.96
C CYS B 150 -0.72 -21.26 -32.55
N GLN B 151 -1.74 -21.45 -31.70
CA GLN B 151 -3.14 -21.32 -32.13
C GLN B 151 -3.42 -19.94 -32.72
N VAL B 152 -3.02 -18.89 -32.01
CA VAL B 152 -3.21 -17.50 -32.43
C VAL B 152 -2.58 -17.26 -33.78
N ARG B 153 -1.35 -17.76 -33.94
CA ARG B 153 -0.61 -17.69 -35.20
C ARG B 153 -1.37 -18.37 -36.36
N GLU B 154 -2.00 -19.50 -36.05
CA GLU B 154 -2.78 -20.28 -37.02
C GLU B 154 -4.07 -19.61 -37.46
N LEU B 155 -4.78 -19.03 -36.50
CA LEU B 155 -6.00 -18.25 -36.71
C LEU B 155 -5.73 -16.95 -37.46
N ALA B 156 -4.57 -16.32 -37.20
CA ALA B 156 -4.06 -15.19 -37.99
C ALA B 156 -3.80 -15.59 -39.46
N THR B 157 -3.18 -16.74 -39.70
CA THR B 157 -2.93 -17.22 -41.07
C THR B 157 -4.27 -17.45 -41.82
N LEU B 158 -5.26 -18.00 -41.10
CA LEU B 158 -6.56 -18.30 -41.68
C LEU B 158 -7.35 -17.01 -42.02
N LEU B 159 -7.30 -16.05 -41.11
CA LEU B 159 -7.92 -14.73 -41.31
C LEU B 159 -7.37 -14.05 -42.56
N HIS B 160 -6.05 -14.15 -42.77
CA HIS B 160 -5.42 -13.57 -43.93
C HIS B 160 -5.82 -14.28 -45.22
N MET B 161 -5.91 -15.61 -45.18
CA MET B 161 -6.39 -16.37 -46.34
C MET B 161 -7.82 -15.96 -46.72
N LYS B 162 -8.69 -15.81 -45.73
CA LYS B 162 -10.08 -15.37 -45.97
C LYS B 162 -10.13 -13.96 -46.58
N ASP B 163 -9.26 -13.08 -46.10
CA ASP B 163 -9.10 -11.73 -46.68
C ASP B 163 -8.75 -11.73 -48.17
N LEU B 164 -7.81 -12.59 -48.57
CA LEU B 164 -7.48 -12.79 -49.98
C LEU B 164 -8.67 -13.25 -50.80
N GLU B 165 -9.51 -14.10 -50.22
CA GLU B 165 -10.71 -14.58 -50.89
C GLU B 165 -11.74 -13.48 -51.01
N ILE B 166 -11.89 -12.70 -49.94
CA ILE B 166 -12.76 -11.53 -49.93
C ILE B 166 -12.32 -10.51 -51.00
N GLN B 167 -11.04 -10.16 -51.03
CA GLN B 167 -10.54 -9.22 -52.02
C GLN B 167 -10.70 -9.74 -53.46
N ASP B 168 -10.77 -11.06 -53.62
CA ASP B 168 -11.08 -11.67 -54.92
C ASP B 168 -12.55 -11.52 -55.30
N TYR B 169 -13.44 -11.56 -54.31
CA TYR B 169 -14.89 -11.42 -54.55
C TYR B 169 -15.28 -10.05 -55.10
N GLN B 170 -14.45 -9.05 -54.83
CA GLN B 170 -14.61 -7.72 -55.43
C GLN B 170 -13.86 -7.69 -56.77
N GLU B 171 -14.44 -8.36 -57.78
CA GLU B 171 -13.80 -8.55 -59.08
C GLU B 171 -14.28 -7.51 -60.09
N LEU B 176 -19.30 -5.75 -56.32
CA LEU B 176 -19.38 -4.86 -55.17
C LEU B 176 -20.75 -4.94 -54.51
N ILE B 177 -20.75 -5.21 -53.22
CA ILE B 177 -21.98 -5.20 -52.40
C ILE B 177 -21.90 -4.19 -51.23
N ARG B 178 -22.98 -4.09 -50.44
CA ARG B 178 -23.15 -3.03 -49.42
C ARG B 178 -21.93 -2.86 -48.49
N ASP B 179 -21.45 -1.62 -48.41
CA ASP B 179 -20.18 -1.32 -47.76
C ASP B 179 -20.15 -1.56 -46.26
N ARG B 180 -21.30 -1.46 -45.61
CA ARG B 180 -21.37 -1.64 -44.16
C ARG B 180 -21.26 -3.11 -43.75
N LEU B 181 -21.30 -3.99 -44.75
CA LEU B 181 -21.14 -5.43 -44.52
C LEU B 181 -19.69 -5.87 -44.76
N LYS B 182 -18.82 -4.91 -45.08
CA LYS B 182 -17.41 -5.21 -45.37
C LYS B 182 -16.57 -5.12 -44.10
N THR B 183 -15.80 -6.17 -43.81
CA THR B 183 -14.95 -6.15 -42.60
C THR B 183 -13.65 -5.42 -42.90
N GLU B 184 -12.96 -4.97 -41.84
CA GLU B 184 -11.62 -4.42 -42.02
C GLU B 184 -10.64 -5.56 -42.29
N PRO B 185 -9.72 -5.38 -43.25
CA PRO B 185 -8.73 -6.43 -43.47
C PRO B 185 -7.93 -6.70 -42.17
N PHE B 186 -7.55 -7.95 -41.95
CA PHE B 186 -6.90 -8.31 -40.70
C PHE B 186 -5.42 -8.02 -40.77
N GLU B 187 -4.94 -7.34 -39.74
CA GLU B 187 -3.51 -7.08 -39.60
C GLU B 187 -3.12 -7.48 -38.19
N GLU B 188 -2.19 -8.44 -38.12
CA GLU B 188 -1.81 -9.02 -36.84
C GLU B 188 -1.14 -8.11 -35.83
N ASN B 189 -0.16 -7.31 -36.26
CA ASN B 189 0.57 -6.45 -35.33
C ASN B 189 -0.38 -5.45 -34.67
N SER B 190 -1.25 -4.86 -35.46
CA SER B 190 -2.25 -3.91 -35.02
C SER B 190 -3.34 -4.58 -34.14
N PHE B 191 -3.73 -5.81 -34.46
CA PHE B 191 -4.53 -6.63 -33.54
C PHE B 191 -3.86 -6.81 -32.16
N LEU B 192 -2.59 -7.26 -32.15
CA LEU B 192 -1.84 -7.43 -30.90
C LEU B 192 -1.72 -6.13 -30.13
N GLU B 193 -1.35 -5.06 -30.82
CA GLU B 193 -1.20 -3.79 -30.13
C GLU B 193 -2.52 -3.36 -29.48
N GLN B 194 -3.62 -3.43 -30.22
CA GLN B 194 -4.92 -3.05 -29.71
C GLN B 194 -5.30 -3.90 -28.49
N PHE B 195 -5.07 -5.20 -28.58
CA PHE B 195 -5.38 -6.13 -27.51
C PHE B 195 -4.59 -5.86 -26.22
N MET B 196 -3.30 -5.57 -26.37
CA MET B 196 -2.43 -5.28 -25.23
C MET B 196 -2.86 -4.02 -24.49
N ILE B 197 -3.23 -2.98 -25.25
CA ILE B 197 -3.70 -1.71 -24.69
C ILE B 197 -5.10 -1.85 -24.10
N GLU B 198 -6.05 -2.37 -24.87
CA GLU B 198 -7.47 -2.41 -24.47
C GLU B 198 -7.96 -3.65 -23.68
N LYS B 199 -7.39 -4.82 -23.97
CA LYS B 199 -7.93 -6.08 -23.45
C LYS B 199 -7.11 -6.78 -22.36
N LEU B 200 -5.78 -6.73 -22.48
CA LEU B 200 -4.87 -7.47 -21.59
C LEU B 200 -5.13 -7.28 -20.06
N PRO B 201 -5.35 -6.05 -19.58
CA PRO B 201 -5.58 -5.94 -18.11
C PRO B 201 -6.68 -6.87 -17.55
N GLU B 202 -7.83 -6.93 -18.21
CA GLU B 202 -8.91 -7.81 -17.78
C GLU B 202 -8.72 -9.26 -18.19
N ALA B 203 -8.13 -9.48 -19.36
CA ALA B 203 -7.91 -10.81 -19.93
C ALA B 203 -6.93 -11.66 -19.14
N CYS B 204 -6.03 -11.02 -18.39
CA CYS B 204 -4.98 -11.75 -17.66
C CYS B 204 -5.27 -11.91 -16.15
N SER B 205 -6.30 -11.21 -15.65
CA SER B 205 -6.71 -11.31 -14.25
C SER B 205 -7.12 -12.75 -13.94
N ILE B 206 -6.47 -13.34 -12.92
CA ILE B 206 -6.73 -14.72 -12.52
C ILE B 206 -7.82 -14.89 -11.48
N GLY B 207 -8.17 -13.79 -10.78
CA GLY B 207 -9.16 -13.82 -9.70
C GLY B 207 -8.87 -14.92 -8.68
N ASP B 208 -9.90 -15.73 -8.40
CA ASP B 208 -9.79 -16.85 -7.45
C ASP B 208 -9.36 -18.16 -8.13
N GLY B 209 -8.92 -18.05 -9.38
CA GLY B 209 -8.49 -19.20 -10.16
C GLY B 209 -9.62 -19.86 -10.90
N LYS B 210 -10.83 -19.36 -10.71
CA LYS B 210 -12.02 -19.96 -11.34
C LYS B 210 -12.00 -19.90 -12.88
N PRO B 211 -11.67 -18.74 -13.49
CA PRO B 211 -11.57 -18.78 -14.97
C PRO B 211 -10.61 -19.84 -15.55
N PHE B 212 -9.45 -20.03 -14.91
CA PHE B 212 -8.47 -21.03 -15.34
C PHE B 212 -9.06 -22.47 -15.34
N VAL B 213 -9.84 -22.78 -14.32
CA VAL B 213 -10.56 -24.05 -14.20
C VAL B 213 -11.68 -24.19 -15.24
N MET B 214 -12.44 -23.11 -15.47
CA MET B 214 -13.58 -23.17 -16.38
C MET B 214 -13.20 -23.12 -17.85
N ASN B 215 -12.10 -22.43 -18.16
CA ASN B 215 -11.68 -22.30 -19.56
C ASN B 215 -10.54 -23.19 -20.04
N LEU B 216 -9.59 -23.54 -19.17
CA LEU B 216 -8.31 -24.05 -19.68
C LEU B 216 -7.94 -25.49 -19.37
N GLN B 217 -8.85 -26.27 -18.82
CA GLN B 217 -8.48 -27.59 -18.29
C GLN B 217 -8.30 -28.70 -19.33
N ASP B 218 -9.05 -28.64 -20.42
CA ASP B 218 -8.90 -29.55 -21.55
C ASP B 218 -7.49 -29.45 -22.11
N LEU B 219 -7.05 -28.21 -22.35
CA LEU B 219 -5.67 -27.94 -22.73
C LEU B 219 -4.67 -28.28 -21.61
N TYR B 220 -4.97 -27.91 -20.35
CA TYR B 220 -4.12 -28.34 -19.25
C TYR B 220 -3.82 -29.84 -19.31
N MET B 221 -4.89 -30.65 -19.41
CA MET B 221 -4.79 -32.12 -19.51
C MET B 221 -4.04 -32.64 -20.74
N ALA B 222 -4.28 -32.05 -21.90
CA ALA B 222 -3.53 -32.39 -23.10
C ALA B 222 -2.02 -32.15 -22.92
N VAL B 223 -1.66 -31.11 -22.19
CA VAL B 223 -0.25 -30.77 -22.05
C VAL B 223 0.48 -31.65 -21.05
N THR B 224 -0.10 -31.87 -19.87
CA THR B 224 0.45 -32.83 -18.89
C THR B 224 0.56 -34.27 -19.46
N THR B 225 -0.48 -34.74 -20.13
CA THR B 225 -0.42 -36.01 -20.90
C THR B 225 0.80 -36.10 -21.84
N GLN B 226 1.03 -35.03 -22.60
CA GLN B 226 2.15 -34.93 -23.53
C GLN B 226 3.54 -35.02 -22.88
N GLU B 227 3.75 -34.29 -21.76
CA GLU B 227 5.06 -34.25 -21.07
C GLU B 227 5.49 -35.59 -20.50
N VAL B 228 4.54 -36.37 -19.98
CA VAL B 228 4.87 -37.67 -19.34
C VAL B 228 5.79 -38.58 -20.19
N GLN B 229 5.64 -38.53 -21.52
CA GLN B 229 6.59 -39.15 -22.45
C GLN B 229 7.10 -38.13 -23.47
N MET C 21 -8.32 16.00 11.03
CA MET C 21 -8.42 15.57 12.46
C MET C 21 -8.76 16.75 13.37
N GLU C 22 -9.44 16.48 14.46
CA GLU C 22 -9.84 17.51 15.42
C GLU C 22 -9.24 17.28 16.80
N ARG C 23 -9.10 18.36 17.57
CA ARG C 23 -8.56 18.24 18.92
C ARG C 23 -9.23 19.27 19.83
N LYS C 24 -9.03 19.11 21.13
CA LYS C 24 -9.55 20.06 22.10
C LYS C 24 -8.54 20.11 23.22
N ILE C 25 -8.12 21.31 23.57
CA ILE C 25 -7.16 21.44 24.66
C ILE C 25 -7.86 22.07 25.84
N SER C 26 -7.66 21.50 27.02
CA SER C 26 -8.30 22.06 28.20
C SER C 26 -7.45 21.89 29.44
N ARG C 27 -7.81 22.65 30.47
CA ARG C 27 -7.07 22.60 31.74
C ARG C 27 -7.89 21.88 32.80
N ILE C 28 -7.21 21.09 33.61
CA ILE C 28 -7.88 20.38 34.68
C ILE C 28 -7.02 20.43 35.93
N HIS C 29 -7.56 19.89 37.01
CA HIS C 29 -6.82 19.83 38.26
C HIS C 29 -6.91 18.41 38.77
N LEU C 30 -5.75 17.80 39.00
CA LEU C 30 -5.72 16.45 39.51
C LEU C 30 -5.99 16.49 41.01
N VAL C 31 -6.79 15.55 41.48
CA VAL C 31 -7.13 15.47 42.89
C VAL C 31 -5.86 15.44 43.73
N SER C 32 -4.80 14.81 43.22
CA SER C 32 -3.55 14.70 43.96
C SER C 32 -2.63 15.91 43.92
N GLU C 33 -2.85 16.83 42.98
CA GLU C 33 -2.00 18.02 42.88
C GLU C 33 -2.85 19.27 42.60
N PRO C 34 -3.64 19.70 43.59
CA PRO C 34 -4.52 20.87 43.48
C PRO C 34 -3.85 22.24 43.33
N SER C 35 -2.55 22.29 43.61
CA SER C 35 -1.80 23.54 43.51
C SER C 35 -1.33 23.79 42.08
N ILE C 36 -1.36 22.75 41.27
CA ILE C 36 -0.93 22.83 39.89
C ILE C 36 -2.02 22.61 38.86
N THR C 37 -1.89 23.26 37.71
CA THR C 37 -2.85 23.09 36.65
C THR C 37 -2.27 22.15 35.58
N HIS C 38 -2.97 21.06 35.30
CA HIS C 38 -2.52 20.14 34.27
C HIS C 38 -3.32 20.42 33.02
N PHE C 39 -2.85 19.92 31.89
CA PHE C 39 -3.57 20.16 30.64
C PHE C 39 -3.95 18.87 29.95
N LEU C 40 -5.04 18.94 29.20
CA LEU C 40 -5.55 17.77 28.48
C LEU C 40 -5.67 18.06 27.00
N GLN C 41 -5.09 17.20 26.18
CA GLN C 41 -5.21 17.37 24.74
C GLN C 41 -5.87 16.08 24.27
N VAL C 42 -7.06 16.23 23.72
CA VAL C 42 -7.83 15.11 23.23
C VAL C 42 -8.06 15.30 21.74
N SER C 43 -7.72 14.29 20.95
CA SER C 43 -7.90 14.36 19.51
C SER C 43 -8.58 13.10 18.98
N TRP C 44 -9.41 13.29 17.96
CA TRP C 44 -10.17 12.20 17.35
C TRP C 44 -10.30 12.45 15.85
N GLU C 45 -10.70 11.43 15.11
CA GLU C 45 -10.82 11.61 13.67
C GLU C 45 -12.11 12.29 13.24
N LYS C 46 -13.18 11.54 13.09
CA LYS C 46 -14.43 12.12 12.65
C LYS C 46 -15.31 12.42 13.85
N THR C 47 -15.36 11.47 14.77
CA THR C 47 -16.19 11.59 15.96
C THR C 47 -15.40 11.18 17.18
N LEU C 48 -15.85 11.60 18.35
CA LEU C 48 -15.16 11.22 19.57
C LEU C 48 -15.37 9.72 19.79
N GLU C 49 -16.59 9.26 19.53
CA GLU C 49 -16.95 7.85 19.71
C GLU C 49 -16.26 6.93 18.71
N SER C 50 -15.62 7.52 17.72
CA SER C 50 -14.91 6.75 16.71
C SER C 50 -13.54 6.38 17.28
N GLY C 51 -13.29 6.83 18.51
CA GLY C 51 -12.00 6.58 19.14
C GLY C 51 -11.24 7.88 19.24
N PHE C 52 -10.39 8.02 20.26
CA PHE C 52 -9.64 9.26 20.43
C PHE C 52 -8.33 9.00 21.16
N VAL C 53 -7.42 9.97 21.05
CA VAL C 53 -6.12 9.91 21.71
C VAL C 53 -6.15 10.97 22.80
N ILE C 54 -5.66 10.63 23.98
CA ILE C 54 -5.66 11.58 25.09
C ILE C 54 -4.28 11.77 25.70
N THR C 55 -3.86 13.04 25.83
CA THR C 55 -2.57 13.37 26.42
C THR C 55 -2.72 14.30 27.61
N LEU C 56 -2.02 13.97 28.69
CA LEU C 56 -2.03 14.79 29.89
C LEU C 56 -0.67 15.47 30.00
N THR C 57 -0.65 16.74 30.39
CA THR C 57 0.62 17.46 30.52
C THR C 57 0.67 18.40 31.71
N ASP C 58 1.86 18.58 32.26
CA ASP C 58 2.06 19.47 33.39
C ASP C 58 3.02 20.56 32.89
N GLY C 59 3.22 20.59 31.58
CA GLY C 59 4.08 21.60 30.98
C GLY C 59 5.51 21.14 30.85
N HIS C 60 5.84 19.99 31.41
CA HIS C 60 7.20 19.48 31.32
C HIS C 60 7.12 18.02 30.87
N SER C 61 6.40 17.20 31.62
CA SER C 61 6.23 15.80 31.27
C SER C 61 4.94 15.62 30.48
N ALA C 62 4.78 14.45 29.85
CA ALA C 62 3.59 14.16 29.07
C ALA C 62 3.23 12.69 29.17
N TRP C 63 1.94 12.42 29.28
CA TRP C 63 1.46 11.04 29.36
C TRP C 63 0.37 10.90 28.31
N THR C 64 0.49 9.89 27.46
CA THR C 64 -0.50 9.70 26.42
C THR C 64 -1.17 8.35 26.47
N GLY C 65 -2.39 8.29 25.96
CA GLY C 65 -3.13 7.04 25.93
C GLY C 65 -4.11 7.05 24.79
N THR C 66 -4.55 5.86 24.39
CA THR C 66 -5.51 5.73 23.30
C THR C 66 -6.77 5.01 23.75
N VAL C 67 -7.89 5.38 23.13
CA VAL C 67 -9.19 4.77 23.42
C VAL C 67 -9.88 4.48 22.08
N SER C 68 -10.07 3.20 21.79
CA SER C 68 -10.71 2.77 20.55
C SER C 68 -12.21 2.97 20.60
N GLU C 69 -12.85 2.97 19.43
CA GLU C 69 -14.28 3.16 19.41
C GLU C 69 -15.01 1.97 20.02
N SER C 70 -14.32 0.84 20.13
CA SER C 70 -14.94 -0.34 20.70
C SER C 70 -14.83 -0.36 22.23
N GLU C 71 -13.81 0.29 22.77
CA GLU C 71 -13.65 0.34 24.22
C GLU C 71 -14.72 1.29 24.75
N ILE C 72 -14.99 2.35 23.98
CA ILE C 72 -16.00 3.34 24.35
C ILE C 72 -17.34 2.61 24.39
N SER C 73 -17.82 2.21 23.23
CA SER C 73 -19.09 1.51 23.12
C SER C 73 -19.22 0.44 24.22
N GLN C 74 -18.12 -0.24 24.52
CA GLN C 74 -18.10 -1.28 25.55
C GLN C 74 -18.38 -0.72 26.93
N GLU C 75 -17.76 0.41 27.24
CA GLU C 75 -17.93 1.08 28.53
C GLU C 75 -19.38 1.56 28.73
N ALA C 76 -19.96 2.13 27.68
CA ALA C 76 -21.34 2.61 27.75
C ALA C 76 -22.25 1.46 28.16
N ASP C 77 -21.94 0.26 27.64
CA ASP C 77 -22.73 -0.92 27.97
C ASP C 77 -22.59 -1.25 29.44
N ASP C 78 -21.36 -1.40 29.90
CA ASP C 78 -21.10 -1.74 31.30
C ASP C 78 -21.81 -0.76 32.23
N MET C 79 -22.17 0.41 31.70
CA MET C 79 -22.81 1.42 32.51
C MET C 79 -24.31 1.61 32.34
N ALA C 80 -24.94 0.69 31.60
CA ALA C 80 -26.37 0.77 31.37
C ALA C 80 -26.75 2.12 30.77
N MET C 81 -25.95 2.62 29.86
CA MET C 81 -26.23 3.90 29.20
C MET C 81 -26.25 3.75 27.68
N GLU C 82 -26.98 4.62 27.00
CA GLU C 82 -27.00 4.59 25.53
C GLU C 82 -25.68 5.22 25.08
N LYS C 83 -25.01 4.60 24.11
CA LYS C 83 -23.72 5.11 23.63
C LYS C 83 -23.70 6.64 23.49
N GLY C 84 -24.79 7.20 22.98
CA GLY C 84 -24.86 8.64 22.82
C GLY C 84 -24.72 9.38 24.14
N LYS C 85 -25.48 8.95 25.14
CA LYS C 85 -25.43 9.60 26.44
C LYS C 85 -24.02 9.55 27.01
N TYR C 86 -23.40 8.37 26.99
CA TYR C 86 -22.06 8.19 27.51
C TYR C 86 -21.10 9.12 26.79
N VAL C 87 -21.15 9.11 25.47
CA VAL C 87 -20.26 9.97 24.70
C VAL C 87 -20.48 11.39 25.19
N GLY C 88 -21.74 11.77 25.37
CA GLY C 88 -22.05 13.10 25.86
C GLY C 88 -21.28 13.41 27.13
N GLU C 89 -21.31 12.48 28.08
CA GLU C 89 -20.59 12.65 29.33
C GLU C 89 -19.12 12.81 29.03
N LEU C 90 -18.61 12.05 28.08
CA LEU C 90 -17.21 12.16 27.73
C LEU C 90 -16.88 13.57 27.23
N ARG C 91 -17.75 14.16 26.42
CA ARG C 91 -17.53 15.50 25.91
C ARG C 91 -17.45 16.50 27.05
N LYS C 92 -18.46 16.47 27.90
CA LYS C 92 -18.56 17.37 29.05
C LYS C 92 -17.33 17.25 29.96
N ALA C 93 -16.88 16.03 30.18
CA ALA C 93 -15.75 15.80 31.06
C ALA C 93 -14.35 15.94 30.46
N LEU C 94 -14.20 15.57 29.19
CA LEU C 94 -12.89 15.59 28.54
C LEU C 94 -12.65 16.64 27.46
N LEU C 95 -13.71 17.30 27.00
CA LEU C 95 -13.56 18.32 25.98
C LEU C 95 -14.13 19.62 26.50
N SER C 96 -14.16 19.72 27.83
CA SER C 96 -14.69 20.89 28.52
C SER C 96 -16.04 21.32 28.01
N GLY C 97 -17.00 20.40 28.03
CA GLY C 97 -18.34 20.73 27.57
C GLY C 97 -19.30 20.77 28.75
N ALA C 98 -18.75 20.66 29.96
CA ALA C 98 -19.55 20.67 31.16
C ALA C 98 -20.41 21.92 31.29
N GLY C 99 -21.57 21.74 31.94
CA GLY C 99 -22.49 22.83 32.17
C GLY C 99 -22.09 23.53 33.47
N PRO C 100 -22.73 24.65 33.83
CA PRO C 100 -22.37 25.34 35.07
C PRO C 100 -22.51 24.46 36.30
N ALA C 101 -23.50 23.56 36.28
CA ALA C 101 -23.75 22.67 37.40
C ALA C 101 -22.82 21.46 37.44
N ASP C 102 -22.63 20.82 36.29
CA ASP C 102 -21.76 19.63 36.19
C ASP C 102 -20.45 19.81 36.93
N VAL C 103 -20.04 18.76 37.64
CA VAL C 103 -18.80 18.78 38.39
C VAL C 103 -18.05 17.49 38.13
N TYR C 104 -16.90 17.60 37.48
CA TYR C 104 -16.09 16.43 37.18
C TYR C 104 -14.75 16.55 37.90
N THR C 105 -14.18 15.42 38.31
CA THR C 105 -12.90 15.42 38.98
C THR C 105 -11.99 14.48 38.23
N PHE C 106 -10.67 14.67 38.33
CA PHE C 106 -9.75 13.80 37.60
C PHE C 106 -8.62 13.29 38.46
N ASN C 107 -8.26 12.04 38.22
CA ASN C 107 -7.20 11.40 38.98
C ASN C 107 -6.12 10.81 38.10
N PHE C 108 -4.89 10.86 38.58
CA PHE C 108 -3.79 10.28 37.85
C PHE C 108 -2.67 9.96 38.81
N SER C 109 -2.07 8.80 38.65
CA SER C 109 -0.97 8.38 39.50
C SER C 109 0.25 8.38 38.61
N LYS C 110 1.25 9.20 38.94
CA LYS C 110 2.45 9.28 38.14
C LYS C 110 3.43 8.13 38.43
N GLU C 111 2.86 7.04 38.94
CA GLU C 111 3.60 5.82 39.23
C GLU C 111 2.74 4.70 38.67
N SER C 112 1.47 4.74 39.00
CA SER C 112 0.49 3.77 38.53
C SER C 112 0.24 3.89 37.02
N CYS C 113 0.28 5.13 36.51
CA CYS C 113 0.07 5.44 35.08
C CYS C 113 -1.43 5.30 34.79
N TYR C 114 -2.20 5.13 35.86
CA TYR C 114 -3.63 4.97 35.76
C TYR C 114 -4.31 6.32 35.94
N PHE C 115 -5.15 6.67 34.97
CA PHE C 115 -5.90 7.92 34.96
C PHE C 115 -7.38 7.59 34.99
N PHE C 116 -8.11 8.17 35.95
CA PHE C 116 -9.55 7.94 36.02
C PHE C 116 -10.28 9.22 36.41
N PHE C 117 -11.42 9.48 35.78
CA PHE C 117 -12.21 10.67 36.07
C PHE C 117 -13.61 10.32 36.54
N GLU C 118 -14.15 11.11 37.47
CA GLU C 118 -15.47 10.82 38.03
C GLU C 118 -16.40 12.01 37.97
N LYS C 119 -17.70 11.75 37.99
CA LYS C 119 -18.68 12.82 37.98
C LYS C 119 -19.20 12.88 39.41
N ASN C 120 -19.51 14.09 39.90
CA ASN C 120 -19.97 14.23 41.28
C ASN C 120 -21.35 14.86 41.36
N LEU C 121 -22.30 14.10 41.91
CA LEU C 121 -23.68 14.56 42.07
C LEU C 121 -23.92 14.75 43.58
N LYS C 122 -24.02 16.01 44.01
CA LYS C 122 -24.23 16.35 45.42
C LYS C 122 -23.16 15.77 46.33
N ASP C 123 -21.94 15.72 45.82
CA ASP C 123 -20.80 15.20 46.56
C ASP C 123 -20.66 13.69 46.48
N VAL C 124 -21.71 13.03 46.00
CA VAL C 124 -21.67 11.59 45.81
C VAL C 124 -21.08 11.41 44.42
N SER C 125 -19.85 10.88 44.34
CA SER C 125 -19.20 10.72 43.04
C SER C 125 -19.25 9.31 42.46
N PHE C 126 -19.33 9.23 41.14
CA PHE C 126 -19.36 7.96 40.43
C PHE C 126 -18.31 7.91 39.32
N ARG C 127 -17.62 6.78 39.18
CA ARG C 127 -16.63 6.61 38.11
C ARG C 127 -17.32 6.83 36.79
N LEU C 128 -16.65 7.53 35.88
CA LEU C 128 -17.22 7.77 34.57
C LEU C 128 -16.31 7.16 33.52
N GLY C 129 -15.03 7.04 33.84
CA GLY C 129 -14.09 6.49 32.89
C GLY C 129 -12.72 6.29 33.50
N SER C 130 -11.81 5.71 32.75
CA SER C 130 -10.47 5.47 33.24
C SER C 130 -9.68 4.75 32.19
N PHE C 131 -8.41 5.12 32.07
CA PHE C 131 -7.53 4.47 31.11
C PHE C 131 -6.09 4.60 31.54
N ASN C 132 -5.22 3.84 30.89
CA ASN C 132 -3.80 3.86 31.20
C ASN C 132 -3.09 4.78 30.24
N LEU C 133 -2.18 5.58 30.79
CA LEU C 133 -1.41 6.52 29.99
C LEU C 133 0.05 6.11 30.09
N GLU C 134 0.75 6.11 28.96
CA GLU C 134 2.17 5.77 28.94
C GLU C 134 2.98 7.05 28.87
N LYS C 135 4.12 7.07 29.54
CA LYS C 135 4.97 8.25 29.55
C LYS C 135 5.59 8.53 28.19
N VAL C 136 5.41 9.76 27.73
CA VAL C 136 5.93 10.21 26.45
C VAL C 136 7.45 10.39 26.54
N GLU C 137 8.18 9.77 25.63
CA GLU C 137 9.64 9.86 25.62
C GLU C 137 10.15 11.23 25.22
N ASN C 138 9.38 11.93 24.40
CA ASN C 138 9.77 13.26 23.98
C ASN C 138 8.65 14.29 24.22
N PRO C 139 8.44 14.66 25.50
CA PRO C 139 7.41 15.63 25.89
C PRO C 139 7.53 17.00 25.22
N ALA C 140 8.74 17.55 25.19
CA ALA C 140 8.94 18.86 24.58
C ALA C 140 8.48 18.90 23.11
N GLU C 141 8.55 17.78 22.42
CA GLU C 141 8.10 17.78 21.03
C GLU C 141 6.57 17.89 20.98
N VAL C 142 5.88 17.21 21.90
CA VAL C 142 4.42 17.26 21.96
C VAL C 142 4.01 18.69 22.28
N ILE C 143 4.60 19.23 23.34
CA ILE C 143 4.32 20.60 23.78
C ILE C 143 4.56 21.62 22.67
N ARG C 144 5.69 21.50 21.97
CA ARG C 144 5.98 22.43 20.88
C ARG C 144 4.88 22.34 19.85
N GLU C 145 4.44 21.12 19.58
CA GLU C 145 3.38 20.87 18.61
C GLU C 145 2.09 21.53 19.07
N LEU C 146 1.78 21.39 20.37
CA LEU C 146 0.58 21.99 20.93
C LEU C 146 0.60 23.50 20.76
N ILE C 147 1.75 24.11 21.03
CA ILE C 147 1.83 25.56 20.88
C ILE C 147 1.66 25.99 19.43
N CYS C 148 2.22 25.22 18.50
CA CYS C 148 2.12 25.55 17.07
C CYS C 148 0.64 25.54 16.71
N TYR C 149 -0.04 24.48 17.18
CA TYR C 149 -1.47 24.34 16.93
C TYR C 149 -2.20 25.57 17.40
N CYS C 150 -2.02 25.92 18.68
CA CYS C 150 -2.67 27.10 19.25
C CYS C 150 -2.32 28.31 18.40
N LEU C 151 -1.03 28.46 18.06
CA LEU C 151 -0.60 29.58 17.22
C LEU C 151 -1.39 29.63 15.92
N ASP C 152 -1.40 28.54 15.17
CA ASP C 152 -2.12 28.53 13.91
C ASP C 152 -3.55 28.92 14.19
N THR C 153 -4.16 28.27 15.17
CA THR C 153 -5.53 28.54 15.54
C THR C 153 -5.82 30.01 15.88
N ILE C 154 -5.08 30.57 16.83
CA ILE C 154 -5.32 31.96 17.17
C ILE C 154 -5.26 32.83 15.91
N ALA C 155 -4.35 32.50 15.01
CA ALA C 155 -4.19 33.25 13.77
C ALA C 155 -5.43 33.15 12.90
N GLU C 156 -5.95 31.95 12.75
CA GLU C 156 -7.15 31.76 11.95
C GLU C 156 -8.31 32.55 12.50
N ASN C 157 -8.58 32.38 13.79
CA ASN C 157 -9.68 33.08 14.41
C ASN C 157 -9.46 34.58 14.36
N GLN C 158 -8.20 35.00 14.39
CA GLN C 158 -7.93 36.42 14.32
C GLN C 158 -8.41 36.88 12.94
N ALA C 159 -8.01 36.15 11.89
CA ALA C 159 -8.41 36.47 10.52
C ALA C 159 -9.92 36.56 10.42
N LYS C 160 -10.60 35.46 10.72
CA LYS C 160 -12.06 35.41 10.66
C LYS C 160 -12.66 36.65 11.29
N ASN C 161 -12.27 36.93 12.52
CA ASN C 161 -12.84 38.11 13.18
C ASN C 161 -12.46 39.37 12.42
N GLU C 162 -11.22 39.46 11.95
CA GLU C 162 -10.80 40.65 11.20
C GLU C 162 -11.62 40.82 9.93
N HIS C 163 -11.86 39.71 9.25
CA HIS C 163 -12.65 39.73 8.02
C HIS C 163 -14.11 40.08 8.32
N LEU C 164 -14.61 39.61 9.47
CA LEU C 164 -15.98 39.88 9.87
C LEU C 164 -16.19 41.35 10.17
N GLN C 165 -15.17 42.03 10.66
CA GLN C 165 -15.34 43.46 10.92
C GLN C 165 -15.34 44.23 9.62
N LYS C 166 -14.52 43.81 8.67
CA LYS C 166 -14.50 44.51 7.39
C LYS C 166 -15.92 44.45 6.84
N GLU C 167 -16.59 43.32 7.02
CA GLU C 167 -17.95 43.17 6.51
C GLU C 167 -18.92 44.11 7.22
N ASN C 168 -18.84 44.19 8.55
CA ASN C 168 -19.73 45.07 9.29
C ASN C 168 -19.42 46.50 8.89
N GLU C 169 -18.15 46.79 8.70
CA GLU C 169 -17.73 48.12 8.31
C GLU C 169 -18.32 48.46 6.94
N ARG C 170 -18.31 47.50 6.03
CA ARG C 170 -18.86 47.71 4.70
C ARG C 170 -20.34 48.07 4.81
N LEU C 171 -21.10 47.26 5.55
CA LEU C 171 -22.53 47.50 5.73
C LEU C 171 -22.80 48.93 6.16
N LEU C 172 -22.02 49.45 7.11
CA LEU C 172 -22.23 50.81 7.57
C LEU C 172 -21.96 51.86 6.50
N ARG C 173 -20.83 51.75 5.79
CA ARG C 173 -20.50 52.72 4.74
C ARG C 173 -21.41 52.48 3.55
N ASP C 174 -21.84 51.24 3.40
CA ASP C 174 -22.71 50.84 2.32
C ASP C 174 -24.07 51.47 2.54
N TRP C 175 -24.41 51.62 3.82
CA TRP C 175 -25.67 52.21 4.24
C TRP C 175 -25.61 53.72 4.14
N ASN C 176 -24.45 54.28 4.44
CA ASN C 176 -24.25 55.73 4.37
C ASN C 176 -24.49 56.20 2.94
N ASP C 177 -24.21 55.33 1.97
CA ASP C 177 -24.41 55.67 0.58
C ASP C 177 -25.91 55.80 0.30
N VAL C 178 -26.73 54.93 0.90
CA VAL C 178 -28.17 54.99 0.71
C VAL C 178 -28.70 56.33 1.21
N GLN C 179 -28.18 56.77 2.34
CA GLN C 179 -28.58 58.05 2.91
C GLN C 179 -28.42 59.13 1.84
N GLY C 180 -27.20 59.25 1.32
CA GLY C 180 -26.93 60.24 0.28
C GLY C 180 -27.83 60.10 -0.95
N ARG C 181 -28.06 58.88 -1.42
CA ARG C 181 -28.91 58.71 -2.58
C ARG C 181 -30.32 59.16 -2.27
N PHE C 182 -30.74 58.93 -1.03
CA PHE C 182 -32.08 59.34 -0.60
C PHE C 182 -32.20 60.85 -0.65
N GLU C 183 -31.27 61.56 -0.02
CA GLU C 183 -31.29 63.01 -0.01
C GLU C 183 -31.36 63.54 -1.43
N LYS C 184 -30.53 63.00 -2.31
CA LYS C 184 -30.52 63.42 -3.69
C LYS C 184 -31.86 63.13 -4.35
N MET D 21 -2.29 43.08 30.98
CA MET D 21 -1.07 43.46 30.21
C MET D 21 -1.13 42.87 28.81
N GLU D 22 -0.39 43.50 27.90
CA GLU D 22 -0.32 43.04 26.54
C GLU D 22 0.66 41.89 26.49
N ARG D 23 0.41 40.93 25.62
CA ARG D 23 1.31 39.79 25.51
C ARG D 23 1.22 39.21 24.12
N LYS D 24 2.36 38.81 23.58
CA LYS D 24 2.40 38.27 22.24
C LYS D 24 3.29 37.06 22.18
N ILE D 25 2.81 36.02 21.50
CA ILE D 25 3.57 34.79 21.37
C ILE D 25 3.79 34.45 19.91
N SER D 26 4.98 33.94 19.60
CA SER D 26 5.31 33.60 18.22
C SER D 26 6.43 32.59 18.11
N ARG D 27 6.51 31.96 16.94
CA ARG D 27 7.56 30.97 16.72
C ARG D 27 8.71 31.62 15.96
N ILE D 28 9.93 31.21 16.30
CA ILE D 28 11.14 31.71 15.66
C ILE D 28 12.11 30.55 15.49
N HIS D 29 13.15 30.79 14.69
CA HIS D 29 14.18 29.77 14.52
C HIS D 29 15.53 30.35 14.90
N LEU D 30 16.21 29.67 15.79
CA LEU D 30 17.52 30.12 16.21
C LEU D 30 18.52 29.66 15.16
N VAL D 31 19.50 30.51 14.88
CA VAL D 31 20.53 30.18 13.90
C VAL D 31 21.26 28.90 14.26
N SER D 32 21.62 28.76 15.53
CA SER D 32 22.34 27.58 16.00
C SER D 32 21.50 26.30 16.09
N GLU D 33 20.18 26.44 16.09
CA GLU D 33 19.30 25.27 16.18
C GLU D 33 18.17 25.37 15.16
N PRO D 34 18.50 25.14 13.88
CA PRO D 34 17.55 25.19 12.77
C PRO D 34 16.50 24.07 12.70
N SER D 35 16.67 23.04 13.51
CA SER D 35 15.74 21.92 13.50
C SER D 35 14.64 22.01 14.54
N ILE D 36 14.95 22.62 15.68
CA ILE D 36 13.99 22.77 16.76
C ILE D 36 13.32 24.13 16.72
N THR D 37 11.99 24.14 16.70
CA THR D 37 11.22 25.38 16.68
C THR D 37 11.20 25.99 18.08
N HIS D 38 11.57 27.26 18.19
CA HIS D 38 11.55 27.93 19.48
C HIS D 38 10.39 28.92 19.55
N PHE D 39 10.00 29.30 20.76
CA PHE D 39 8.91 30.23 20.97
C PHE D 39 9.35 31.44 21.74
N LEU D 40 8.77 32.57 21.36
CA LEU D 40 9.10 33.85 21.96
C LEU D 40 7.85 34.42 22.59
N GLN D 41 7.90 34.78 23.87
CA GLN D 41 6.75 35.37 24.52
C GLN D 41 7.14 36.78 24.97
N VAL D 42 6.53 37.80 24.38
CA VAL D 42 6.83 39.16 24.75
C VAL D 42 5.68 39.77 25.53
N SER D 43 5.99 40.29 26.72
CA SER D 43 4.98 40.92 27.58
C SER D 43 5.34 42.37 27.85
N TRP D 44 4.36 43.25 27.82
CA TRP D 44 4.59 44.66 28.06
C TRP D 44 3.32 45.35 28.55
N GLU D 45 3.46 46.53 29.13
CA GLU D 45 2.30 47.24 29.63
C GLU D 45 1.54 48.12 28.66
N LYS D 46 2.04 49.30 28.33
CA LYS D 46 1.26 50.11 27.41
C LYS D 46 1.76 50.02 25.98
N THR D 47 2.96 50.55 25.74
CA THR D 47 3.55 50.49 24.42
C THR D 47 4.79 49.67 24.60
N LEU D 48 5.27 49.07 23.51
CA LEU D 48 6.48 48.27 23.57
C LEU D 48 7.61 49.20 24.04
N GLU D 49 7.48 50.47 23.67
CA GLU D 49 8.45 51.52 24.00
C GLU D 49 8.71 51.74 25.49
N SER D 50 7.78 51.30 26.33
CA SER D 50 7.92 51.49 27.78
C SER D 50 8.73 50.39 28.44
N GLY D 51 9.21 49.45 27.66
CA GLY D 51 9.98 48.36 28.23
C GLY D 51 9.20 47.10 28.02
N PHE D 52 9.79 45.94 28.23
CA PHE D 52 9.02 44.74 28.02
C PHE D 52 9.81 43.54 28.48
N VAL D 53 9.12 42.46 28.81
CA VAL D 53 9.77 41.24 29.27
C VAL D 53 9.68 40.28 28.12
N ILE D 54 10.75 39.52 27.90
CA ILE D 54 10.80 38.59 26.78
C ILE D 54 11.27 37.23 27.26
N THR D 55 10.53 36.19 26.88
CA THR D 55 10.85 34.80 27.25
C THR D 55 11.03 33.93 26.01
N LEU D 56 12.02 33.04 26.05
CA LEU D 56 12.30 32.14 24.93
C LEU D 56 12.10 30.70 25.39
N THR D 57 11.52 29.85 24.54
CA THR D 57 11.31 28.46 24.93
C THR D 57 11.40 27.45 23.82
N ASP D 58 11.83 26.26 24.19
CA ASP D 58 11.96 25.14 23.27
C ASP D 58 10.94 24.11 23.72
N GLY D 59 10.11 24.51 24.68
CA GLY D 59 9.10 23.61 25.19
C GLY D 59 9.67 22.72 26.28
N HIS D 60 10.95 22.87 26.59
CA HIS D 60 11.58 22.08 27.64
C HIS D 60 12.22 22.99 28.67
N SER D 61 13.00 23.96 28.20
CA SER D 61 13.65 24.92 29.07
C SER D 61 13.11 26.30 28.73
N ALA D 62 13.41 27.28 29.57
CA ALA D 62 12.95 28.63 29.30
C ALA D 62 13.95 29.66 29.78
N TRP D 63 14.14 30.70 28.97
CA TRP D 63 15.07 31.77 29.29
C TRP D 63 14.30 33.06 29.27
N THR D 64 14.50 33.91 30.28
CA THR D 64 13.80 35.17 30.37
C THR D 64 14.74 36.33 30.57
N GLY D 65 14.33 37.48 30.05
CA GLY D 65 15.13 38.69 30.18
C GLY D 65 14.20 39.88 30.18
N THR D 66 14.76 41.07 30.40
CA THR D 66 13.97 42.29 30.41
C THR D 66 14.71 43.36 29.63
N VAL D 67 13.95 44.15 28.88
CA VAL D 67 14.50 45.23 28.08
C VAL D 67 13.77 46.52 28.49
N SER D 68 14.52 47.44 29.11
CA SER D 68 13.95 48.70 29.58
C SER D 68 13.76 49.76 28.51
N GLU D 69 12.94 50.75 28.84
CA GLU D 69 12.64 51.86 27.95
C GLU D 69 13.92 52.64 27.60
N SER D 70 14.85 52.67 28.54
CA SER D 70 16.12 53.35 28.35
C SER D 70 16.99 52.62 27.34
N GLU D 71 17.19 51.33 27.59
CA GLU D 71 17.99 50.51 26.71
C GLU D 71 17.45 50.63 25.28
N ILE D 72 16.12 50.69 25.15
CA ILE D 72 15.49 50.78 23.83
C ILE D 72 15.81 52.12 23.14
N SER D 73 15.87 53.19 23.93
CA SER D 73 16.16 54.50 23.37
C SER D 73 17.64 54.57 23.05
N GLN D 74 18.46 53.95 23.90
CA GLN D 74 19.89 53.95 23.70
C GLN D 74 20.23 53.25 22.37
N GLU D 75 19.72 52.04 22.19
CA GLU D 75 19.96 51.27 20.98
C GLU D 75 19.55 52.06 19.74
N ALA D 76 18.39 52.68 19.81
CA ALA D 76 17.88 53.46 18.69
C ALA D 76 18.80 54.63 18.34
N ASP D 77 19.46 55.19 19.35
CA ASP D 77 20.38 56.31 19.11
C ASP D 77 21.64 55.74 18.50
N ASP D 78 22.10 54.60 19.00
CA ASP D 78 23.31 53.96 18.50
C ASP D 78 23.21 53.60 17.03
N MET D 79 22.01 53.71 16.47
CA MET D 79 21.80 53.40 15.06
C MET D 79 21.36 54.67 14.36
N ALA D 80 21.36 55.77 15.07
CA ALA D 80 20.93 57.03 14.50
C ALA D 80 19.54 56.84 13.88
N MET D 81 18.68 56.05 14.53
CA MET D 81 17.33 55.80 14.04
C MET D 81 16.30 56.46 14.98
N GLU D 82 15.30 57.14 14.43
CA GLU D 82 14.29 57.79 15.27
C GLU D 82 13.51 56.70 16.02
N LYS D 83 13.28 56.94 17.31
CA LYS D 83 12.57 55.99 18.18
C LYS D 83 11.40 55.31 17.52
N GLY D 84 10.52 56.10 16.94
CA GLY D 84 9.36 55.54 16.27
C GLY D 84 9.73 54.38 15.38
N LYS D 85 10.55 54.64 14.37
CA LYS D 85 10.97 53.64 13.41
C LYS D 85 11.59 52.43 14.09
N TYR D 86 12.34 52.68 15.16
CA TYR D 86 12.98 51.57 15.87
C TYR D 86 11.97 50.71 16.60
N VAL D 87 11.05 51.34 17.31
CA VAL D 87 10.02 50.60 18.05
C VAL D 87 9.25 49.76 17.03
N GLY D 88 9.11 50.30 15.82
CA GLY D 88 8.42 49.58 14.78
C GLY D 88 9.20 48.34 14.39
N GLU D 89 10.53 48.47 14.37
CA GLU D 89 11.39 47.34 14.01
C GLU D 89 11.29 46.23 15.03
N LEU D 90 11.28 46.63 16.31
CA LEU D 90 11.17 45.69 17.42
C LEU D 90 9.83 44.95 17.27
N ARG D 91 8.81 45.71 16.87
CA ARG D 91 7.48 45.16 16.69
C ARG D 91 7.45 44.10 15.60
N LYS D 92 8.12 44.39 14.49
CA LYS D 92 8.17 43.46 13.35
C LYS D 92 9.04 42.24 13.66
N ALA D 93 10.20 42.47 14.24
CA ALA D 93 11.12 41.38 14.55
C ALA D 93 10.65 40.50 15.70
N LEU D 94 10.10 41.11 16.75
CA LEU D 94 9.68 40.39 17.93
C LEU D 94 8.18 40.06 18.14
N LEU D 95 7.29 40.72 17.40
CA LEU D 95 5.87 40.46 17.57
C LEU D 95 5.22 39.91 16.30
N SER D 96 6.01 39.24 15.46
CA SER D 96 5.50 38.65 14.23
C SER D 96 4.92 39.68 13.27
N GLY D 97 5.18 40.97 13.53
CA GLY D 97 4.66 42.01 12.66
C GLY D 97 5.56 42.27 11.47
N ALA D 98 6.32 41.26 11.07
CA ALA D 98 7.25 41.38 9.95
C ALA D 98 6.57 41.16 8.59
N GLY D 99 6.91 41.99 7.61
CA GLY D 99 6.36 41.86 6.28
C GLY D 99 6.85 40.62 5.55
N PRO D 100 6.24 40.26 4.41
CA PRO D 100 6.64 39.08 3.62
C PRO D 100 8.07 39.14 3.09
N ALA D 101 8.55 40.34 2.82
CA ALA D 101 9.90 40.53 2.29
C ALA D 101 10.91 40.69 3.42
N ASP D 102 10.43 41.00 4.62
CA ASP D 102 11.31 41.19 5.77
C ASP D 102 11.99 39.91 6.23
N VAL D 103 13.32 39.97 6.33
CA VAL D 103 14.10 38.82 6.78
C VAL D 103 14.79 39.19 8.08
N TYR D 104 14.35 38.57 9.17
CA TYR D 104 14.95 38.81 10.48
C TYR D 104 15.55 37.50 10.92
N THR D 105 16.66 37.54 11.65
CA THR D 105 17.31 36.34 12.14
C THR D 105 17.51 36.46 13.64
N PHE D 106 17.55 35.33 14.35
CA PHE D 106 17.73 35.35 15.80
C PHE D 106 18.87 34.44 16.25
N ASN D 107 19.61 34.90 17.25
CA ASN D 107 20.76 34.16 17.76
C ASN D 107 20.74 34.04 19.28
N PHE D 108 21.04 32.84 19.78
CA PHE D 108 21.07 32.63 21.22
C PHE D 108 22.13 31.62 21.64
N SER D 109 22.98 32.03 22.58
CA SER D 109 24.03 31.18 23.13
C SER D 109 23.51 30.63 24.44
N LYS D 110 23.20 29.35 24.51
CA LYS D 110 22.66 28.82 25.75
C LYS D 110 23.72 28.77 26.85
N GLU D 111 24.97 29.06 26.48
CA GLU D 111 26.06 29.08 27.45
C GLU D 111 26.37 30.51 27.88
N SER D 112 26.08 31.46 26.99
CA SER D 112 26.30 32.88 27.28
C SER D 112 25.00 33.52 27.77
N CYS D 113 23.89 33.08 27.17
CA CYS D 113 22.55 33.54 27.46
C CYS D 113 22.41 34.94 26.88
N TYR D 114 23.21 35.21 25.86
CA TYR D 114 23.18 36.48 25.15
C TYR D 114 22.33 36.20 23.92
N PHE D 115 21.34 37.04 23.71
CA PHE D 115 20.44 36.87 22.57
C PHE D 115 20.47 38.15 21.78
N PHE D 116 20.76 38.04 20.49
CA PHE D 116 20.76 39.20 19.62
C PHE D 116 20.08 38.77 18.34
N PHE D 117 19.46 39.72 17.67
CA PHE D 117 18.74 39.44 16.42
C PHE D 117 19.08 40.51 15.40
N GLU D 118 19.13 40.14 14.13
CA GLU D 118 19.47 41.11 13.11
C GLU D 118 18.57 41.09 11.89
N LYS D 119 18.45 42.24 11.25
CA LYS D 119 17.64 42.38 10.06
C LYS D 119 18.52 42.22 8.84
N ASN D 120 18.14 41.30 7.95
CA ASN D 120 18.90 41.04 6.74
C ASN D 120 18.57 42.04 5.63
N LEU D 121 19.54 42.90 5.32
CA LEU D 121 19.39 43.91 4.28
C LEU D 121 20.50 43.85 3.23
N LYS D 122 20.10 43.73 1.96
CA LYS D 122 21.03 43.65 0.84
C LYS D 122 21.96 42.45 0.96
N ASP D 123 21.39 41.30 1.33
CA ASP D 123 22.15 40.07 1.48
C ASP D 123 23.08 40.07 2.70
N VAL D 124 23.12 41.18 3.43
CA VAL D 124 23.96 41.26 4.62
C VAL D 124 23.07 41.57 5.82
N SER D 125 23.35 40.90 6.94
CA SER D 125 22.54 41.11 8.13
C SER D 125 23.17 42.07 9.12
N PHE D 126 22.37 43.01 9.60
CA PHE D 126 22.83 43.99 10.58
C PHE D 126 22.14 43.79 11.91
N ARG D 127 22.91 43.78 12.99
CA ARG D 127 22.33 43.60 14.32
C ARG D 127 21.31 44.70 14.61
N LEU D 128 20.08 44.29 14.88
CA LEU D 128 18.99 45.22 15.15
C LEU D 128 18.80 45.45 16.66
N GLY D 129 19.32 44.55 17.47
CA GLY D 129 19.18 44.67 18.92
C GLY D 129 19.65 43.44 19.67
N SER D 130 19.79 43.57 20.99
CA SER D 130 20.23 42.46 21.82
C SER D 130 19.79 42.60 23.28
N PHE D 131 20.04 41.53 24.04
CA PHE D 131 19.69 41.49 25.45
C PHE D 131 20.09 40.16 26.07
N ASN D 132 20.20 40.13 27.39
CA ASN D 132 20.59 38.90 28.09
C ASN D 132 19.37 38.23 28.67
N LEU D 133 19.39 36.89 28.69
CA LEU D 133 18.30 36.08 29.21
C LEU D 133 18.75 35.10 30.27
N GLU D 134 18.33 35.29 31.51
CA GLU D 134 18.68 34.36 32.59
C GLU D 134 17.88 33.07 32.37
N LYS D 135 18.45 31.93 32.73
CA LYS D 135 17.72 30.69 32.58
C LYS D 135 16.61 30.66 33.63
N VAL D 136 15.44 30.19 33.23
CA VAL D 136 14.30 30.13 34.14
C VAL D 136 14.39 28.85 34.93
N GLU D 137 14.38 28.99 36.26
CA GLU D 137 14.49 27.85 37.16
C GLU D 137 13.36 26.85 36.99
N ASN D 138 12.16 27.36 36.76
CA ASN D 138 11.02 26.48 36.59
C ASN D 138 10.35 26.69 35.24
N PRO D 139 10.78 25.95 34.21
CA PRO D 139 10.24 26.05 32.85
C PRO D 139 8.77 25.66 32.74
N ALA D 140 8.39 24.57 33.41
CA ALA D 140 7.02 24.07 33.37
C ALA D 140 5.98 25.14 33.65
N GLU D 141 6.17 25.88 34.73
CA GLU D 141 5.22 26.93 35.09
C GLU D 141 5.10 27.95 33.95
N VAL D 142 6.23 28.25 33.31
CA VAL D 142 6.25 29.22 32.21
C VAL D 142 5.42 28.68 31.05
N ILE D 143 5.58 27.40 30.74
CA ILE D 143 4.86 26.78 29.65
C ILE D 143 3.39 26.70 30.01
N ARG D 144 3.12 26.30 31.24
CA ARG D 144 1.74 26.22 31.72
C ARG D 144 1.08 27.59 31.53
N GLU D 145 1.77 28.63 31.97
CA GLU D 145 1.24 29.97 31.86
C GLU D 145 0.96 30.36 30.43
N LEU D 146 1.75 29.82 29.52
CA LEU D 146 1.56 30.14 28.13
C LEU D 146 0.31 29.45 27.63
N ILE D 147 0.16 28.17 27.95
CA ILE D 147 -1.03 27.45 27.51
C ILE D 147 -2.27 28.04 28.15
N CYS D 148 -2.14 28.49 29.40
CA CYS D 148 -3.27 29.10 30.08
C CYS D 148 -3.63 30.32 29.29
N TYR D 149 -2.61 31.11 28.96
CA TYR D 149 -2.81 32.33 28.18
C TYR D 149 -3.44 32.06 26.81
N CYS D 150 -3.07 30.95 26.17
CA CYS D 150 -3.64 30.64 24.87
C CYS D 150 -5.09 30.27 25.06
N LEU D 151 -5.40 29.40 26.03
CA LEU D 151 -6.79 29.02 26.28
C LEU D 151 -7.68 30.25 26.39
N ASP D 152 -7.28 31.21 27.23
CA ASP D 152 -8.06 32.44 27.41
C ASP D 152 -8.23 33.16 26.09
N THR D 153 -7.13 33.26 25.33
CA THR D 153 -7.15 33.92 24.04
C THR D 153 -8.09 33.19 23.06
N ILE D 154 -7.96 31.88 22.94
CA ILE D 154 -8.84 31.18 22.03
C ILE D 154 -10.28 31.44 22.46
N ALA D 155 -10.58 31.31 23.74
CA ALA D 155 -11.95 31.54 24.23
C ALA D 155 -12.43 32.99 24.04
N GLU D 156 -11.57 33.95 24.38
CA GLU D 156 -11.90 35.35 24.23
C GLU D 156 -12.21 35.68 22.77
N ASN D 157 -11.35 35.25 21.85
CA ASN D 157 -11.56 35.54 20.43
C ASN D 157 -12.81 34.86 19.87
N GLN D 158 -13.00 33.59 20.18
CA GLN D 158 -14.18 32.88 19.70
C GLN D 158 -15.43 33.71 20.06
N ALA D 159 -15.48 34.23 21.29
CA ALA D 159 -16.61 35.02 21.73
C ALA D 159 -16.79 36.29 20.91
N LYS D 160 -15.69 36.98 20.62
CA LYS D 160 -15.76 38.19 19.82
C LYS D 160 -16.33 37.85 18.45
N ASN D 161 -16.02 36.64 17.97
CA ASN D 161 -16.53 36.20 16.67
C ASN D 161 -18.04 36.22 16.80
N GLU D 162 -18.54 35.33 17.65
CA GLU D 162 -19.95 35.21 17.89
C GLU D 162 -20.65 36.56 18.12
N HIS D 163 -19.99 37.48 18.80
CA HIS D 163 -20.58 38.80 19.04
C HIS D 163 -20.61 39.60 17.75
N LEU D 164 -19.50 39.60 17.02
CA LEU D 164 -19.43 40.32 15.76
C LEU D 164 -20.46 39.74 14.81
N GLN D 165 -20.57 38.41 14.84
CA GLN D 165 -21.51 37.68 14.01
C GLN D 165 -22.93 38.22 14.20
N LYS D 166 -23.42 38.21 15.45
CA LYS D 166 -24.76 38.72 15.75
C LYS D 166 -24.89 40.18 15.33
N GLU D 167 -23.89 40.99 15.69
CA GLU D 167 -23.90 42.41 15.34
C GLU D 167 -24.07 42.49 13.82
N ASN D 168 -23.50 41.51 13.13
CA ASN D 168 -23.58 41.43 11.69
C ASN D 168 -25.00 41.08 11.26
N GLU D 169 -25.52 39.97 11.80
CA GLU D 169 -26.89 39.53 11.50
C GLU D 169 -27.88 40.66 11.81
N ARG D 170 -27.56 41.43 12.84
CA ARG D 170 -28.41 42.53 13.25
C ARG D 170 -28.51 43.53 12.10
N LEU D 171 -27.37 44.09 11.71
CA LEU D 171 -27.31 45.05 10.61
C LEU D 171 -28.03 44.54 9.37
N LEU D 172 -27.81 43.26 9.05
CA LEU D 172 -28.45 42.66 7.88
C LEU D 172 -29.96 42.67 7.94
N ARG D 173 -30.52 42.58 9.14
CA ARG D 173 -31.96 42.57 9.29
C ARG D 173 -32.51 43.99 9.16
N ASP D 174 -31.89 44.94 9.86
CA ASP D 174 -32.36 46.32 9.77
C ASP D 174 -32.48 46.74 8.32
N TRP D 175 -31.60 46.19 7.47
CA TRP D 175 -31.63 46.53 6.07
C TRP D 175 -32.81 45.83 5.40
N ASN D 176 -32.83 44.51 5.51
CA ASN D 176 -33.88 43.69 4.91
C ASN D 176 -35.30 44.12 5.25
N ASP D 177 -35.48 44.89 6.32
CA ASP D 177 -36.82 45.34 6.67
C ASP D 177 -37.01 46.85 6.58
N VAL D 178 -35.95 47.57 6.20
CA VAL D 178 -36.05 49.02 6.07
C VAL D 178 -36.75 49.27 4.75
N GLN D 179 -36.36 48.54 3.72
CA GLN D 179 -37.00 48.72 2.43
C GLN D 179 -38.40 48.13 2.51
N GLY D 180 -38.72 47.58 3.67
CA GLY D 180 -40.03 47.02 3.92
C GLY D 180 -40.90 48.10 4.51
N ARG D 181 -40.43 48.75 5.57
CA ARG D 181 -41.18 49.82 6.21
C ARG D 181 -41.32 50.97 5.23
N PHE D 182 -40.26 51.22 4.48
CA PHE D 182 -40.27 52.30 3.52
C PHE D 182 -41.35 52.14 2.48
N GLU D 183 -41.46 50.97 1.86
CA GLU D 183 -42.50 50.78 0.85
C GLU D 183 -43.89 50.99 1.42
N LYS D 184 -44.02 50.81 2.73
CA LYS D 184 -45.32 50.99 3.38
C LYS D 184 -45.63 52.45 3.65
#